data_2WJY
#
_entry.id   2WJY
#
_cell.length_a   64.910
_cell.length_b   129.140
_cell.length_c   311.270
_cell.angle_alpha   90.00
_cell.angle_beta   90.00
_cell.angle_gamma   90.00
#
_symmetry.space_group_name_H-M   'I 2 2 2'
#
loop_
_entity.id
_entity.type
_entity.pdbx_description
1 polymer 'REGULATOR OF NONSENSE TRANSCRIPTS 1'
2 non-polymer 'ZINC ION'
3 non-polymer 'SULFATE ION'
4 water water
#
_entity_poly.entity_id   1
_entity_poly.type   'polypeptide(L)'
_entity_poly.pdbx_seq_one_letter_code
;TKDLPIHACSYCGIHDPACVVYCNTSKKWFCNGRGNTSGSHIVNHLVRAKCKEVTLHKDGPLGETVLECYNCGCRNVFLL
GFIPAKADSVVVLLCRQPCASQSSLKDINWDSSQWQPLIQDRCFLSWLVKIPSEQEQLRARQITAQQINKLEELWKENPS
ATLEDLEKPGVDEEPQHVLLRYEDAYQYQNIFGPLVKLEADYDKKLKESQTQDNITVRWDLGLNKKRIAYFTLPKTDSDM
RLMQGDEICLRYKGDLAPLWKGIGHVIKVPDNYGDEIAIELRSSVGAPVEVTHNFQVDFVWKSTSFDRMQSALKTFAVDE
TSVSGYIYHKLLGHEVEDVIIKCQLPKRFTAQGLPDLNHSQVYAVKTVLQRPLSLIQGPPGTGKTVTSATIVYHLARQGN
GPVLVCAPSNIAVDQLTEKIHQTGLKVVRLCAKSREAIDSPVSFLALHNQIRNMDSMPELQKLQQLKDETGELSSADEKR
YRALKRTAERELLMNADVICCTCVGAGDPRLAKMQFRSILIDESTQATEPECMVPVVLGAKQLILVGDHCQLGPVVMCKK
AAKAGLSQSLFERLVVLGIRPIRLQVQYRMHPALSAFPSNIFYEGSLQNGVTAADRVKKGFDFQWPQPDKPMFFYVTQGQ
EEIASSGTSYLNRTEAANVEKITTKLLKAGAKPDQIGIITPYEGQRSYLVQYMQFSGSLHTKLYQEVEIASVDAFQGREK
DFIILSCVRANEHQGIGFLNDPRRLNVALTRARYGVIIVGNPKALSKQPLWNHLLNYYKEQKVLVEGPLNNLRESLMQFS
;
_entity_poly.pdbx_strand_id   A
#
# COMPACT_ATOMS: atom_id res chain seq x y z
N LYS A 2 21.86 -0.36 -3.64
CA LYS A 2 23.19 -0.97 -3.97
C LYS A 2 23.07 -2.01 -5.09
N ASP A 3 23.86 -1.84 -6.15
CA ASP A 3 23.81 -2.69 -7.34
C ASP A 3 24.29 -4.13 -7.09
N LEU A 4 24.48 -4.86 -8.17
CA LEU A 4 25.16 -6.16 -8.12
C LEU A 4 26.64 -5.93 -7.89
N PRO A 5 27.33 -6.87 -7.22
CA PRO A 5 28.80 -6.82 -7.14
C PRO A 5 29.45 -6.73 -8.52
N ILE A 6 30.70 -6.26 -8.57
CA ILE A 6 31.40 -6.06 -9.84
C ILE A 6 31.67 -7.39 -10.58
N HIS A 7 31.68 -8.49 -9.82
CA HIS A 7 31.93 -9.82 -10.36
C HIS A 7 30.67 -10.57 -10.77
N ALA A 8 29.55 -9.86 -10.85
CA ALA A 8 28.28 -10.40 -11.31
C ALA A 8 28.34 -10.82 -12.78
N CYS A 9 27.90 -12.05 -13.06
CA CYS A 9 27.76 -12.53 -14.43
C CYS A 9 26.96 -11.52 -15.25
N SER A 10 27.54 -11.06 -16.35
CA SER A 10 26.94 -10.02 -17.18
C SER A 10 25.67 -10.50 -17.88
N TYR A 11 25.43 -11.82 -17.86
CA TYR A 11 24.22 -12.41 -18.41
C TYR A 11 23.06 -12.52 -17.39
N CYS A 12 23.25 -13.32 -16.34
CA CYS A 12 22.13 -13.72 -15.48
C CYS A 12 22.16 -13.14 -14.06
N GLY A 13 23.32 -12.64 -13.66
CA GLY A 13 23.47 -11.93 -12.39
C GLY A 13 24.23 -12.67 -11.32
N ILE A 14 24.35 -13.99 -11.44
CA ILE A 14 25.02 -14.81 -10.42
C ILE A 14 26.37 -14.20 -10.03
N HIS A 15 26.65 -14.18 -8.74
CA HIS A 15 27.82 -13.48 -8.22
C HIS A 15 28.51 -14.21 -7.05
N ASP A 16 28.38 -15.53 -7.02
CA ASP A 16 29.16 -16.36 -6.11
C ASP A 16 30.57 -16.44 -6.71
N PRO A 17 31.57 -15.88 -5.99
CA PRO A 17 32.96 -15.82 -6.48
C PRO A 17 33.54 -17.14 -6.98
N ALA A 18 33.04 -18.27 -6.50
CA ALA A 18 33.51 -19.59 -6.94
C ALA A 18 33.05 -19.98 -8.34
N CYS A 19 32.01 -19.32 -8.83
CA CYS A 19 31.29 -19.71 -10.05
C CYS A 19 31.52 -18.76 -11.24
N VAL A 20 32.36 -17.75 -11.04
CA VAL A 20 32.54 -16.70 -12.04
C VAL A 20 33.92 -16.70 -12.72
N VAL A 21 33.93 -16.22 -13.96
CA VAL A 21 35.11 -16.17 -14.81
C VAL A 21 35.17 -14.81 -15.52
N TYR A 22 36.31 -14.14 -15.35
CA TYR A 22 36.53 -12.79 -15.86
C TYR A 22 37.20 -12.87 -17.22
N CYS A 23 36.54 -12.30 -18.24
CA CYS A 23 37.01 -12.37 -19.62
C CYS A 23 37.94 -11.22 -20.01
N ASN A 24 39.23 -11.52 -20.11
CA ASN A 24 40.29 -10.52 -20.27
C ASN A 24 40.10 -9.47 -21.37
N THR A 25 39.57 -9.90 -22.51
CA THR A 25 39.33 -8.99 -23.64
C THR A 25 38.10 -8.10 -23.40
N SER A 26 37.00 -8.68 -22.91
CA SER A 26 35.74 -7.95 -22.74
C SER A 26 35.69 -7.20 -21.42
N LYS A 27 36.56 -7.56 -20.49
CA LYS A 27 36.62 -6.97 -19.15
C LYS A 27 35.29 -7.10 -18.41
N LYS A 28 34.67 -8.27 -18.58
CA LYS A 28 33.39 -8.56 -17.96
C LYS A 28 33.42 -9.96 -17.34
N TRP A 29 32.54 -10.18 -16.37
CA TRP A 29 32.47 -11.44 -15.68
C TRP A 29 31.30 -12.26 -16.18
N PHE A 30 31.47 -13.59 -16.14
CA PHE A 30 30.43 -14.54 -16.56
C PHE A 30 30.44 -15.80 -15.68
N CYS A 31 29.29 -16.46 -15.55
CA CYS A 31 29.20 -17.57 -14.61
C CYS A 31 29.35 -18.91 -15.30
N ASN A 32 29.69 -19.93 -14.52
CA ASN A 32 29.87 -21.29 -15.02
C ASN A 32 28.56 -22.12 -15.02
N GLY A 33 27.41 -21.46 -14.91
CA GLY A 33 26.11 -22.14 -14.96
C GLY A 33 25.48 -22.00 -16.33
N ARG A 34 24.65 -22.97 -16.72
CA ARG A 34 24.04 -22.92 -18.07
C ARG A 34 22.66 -22.24 -18.13
N GLY A 35 21.98 -22.15 -16.99
CA GLY A 35 20.65 -21.54 -16.93
C GLY A 35 19.67 -22.10 -17.95
N ASN A 36 19.21 -21.23 -18.85
CA ASN A 36 18.22 -21.56 -19.88
C ASN A 36 18.77 -22.20 -21.15
N THR A 37 20.10 -22.22 -21.25
CA THR A 37 20.78 -22.67 -22.46
C THR A 37 21.51 -23.98 -22.20
N SER A 38 21.95 -24.65 -23.26
CA SER A 38 22.70 -25.90 -23.12
C SER A 38 24.21 -25.67 -23.24
N GLY A 39 24.80 -25.17 -22.16
CA GLY A 39 26.19 -24.76 -22.13
C GLY A 39 26.32 -23.51 -21.28
N SER A 40 27.46 -23.35 -20.62
CA SER A 40 27.65 -22.27 -19.64
C SER A 40 27.61 -20.88 -20.24
N HIS A 41 27.65 -19.89 -19.35
CA HIS A 41 27.56 -18.49 -19.74
C HIS A 41 28.91 -17.93 -20.21
N ILE A 42 30.02 -18.39 -19.64
CA ILE A 42 31.35 -17.98 -20.17
C ILE A 42 31.54 -18.57 -21.55
N VAL A 43 31.38 -19.88 -21.64
CA VAL A 43 31.63 -20.60 -22.88
C VAL A 43 30.84 -20.01 -24.04
N ASN A 44 29.55 -19.75 -23.80
CA ASN A 44 28.67 -19.12 -24.79
C ASN A 44 29.23 -17.76 -25.24
N HIS A 45 29.71 -17.00 -24.26
CA HIS A 45 30.30 -15.68 -24.48
C HIS A 45 31.62 -15.76 -25.25
N LEU A 46 32.56 -16.55 -24.73
CA LEU A 46 33.86 -16.70 -25.37
C LEU A 46 33.71 -16.97 -26.86
N VAL A 47 32.80 -17.87 -27.21
CA VAL A 47 32.47 -18.17 -28.60
C VAL A 47 32.02 -16.92 -29.41
N ARG A 48 30.99 -16.22 -28.95
CA ARG A 48 30.43 -15.12 -29.75
C ARG A 48 31.24 -13.81 -29.70
N ALA A 49 31.83 -13.51 -28.55
CA ALA A 49 32.72 -12.35 -28.41
C ALA A 49 34.13 -12.66 -28.91
N LYS A 50 34.38 -13.92 -29.27
CA LYS A 50 35.63 -14.34 -29.91
C LYS A 50 36.87 -14.26 -29.00
N CYS A 51 36.78 -14.86 -27.81
CA CYS A 51 37.81 -14.71 -26.79
C CYS A 51 38.26 -16.04 -26.24
N LYS A 52 39.32 -16.00 -25.43
CA LYS A 52 40.05 -17.21 -25.00
C LYS A 52 40.77 -16.99 -23.67
N GLU A 53 41.04 -15.73 -23.33
CA GLU A 53 41.85 -15.41 -22.14
C GLU A 53 41.00 -15.13 -20.91
N VAL A 54 41.44 -15.68 -19.78
CA VAL A 54 40.60 -15.81 -18.59
C VAL A 54 41.40 -15.61 -17.29
N THR A 55 40.81 -14.87 -16.36
CA THR A 55 41.33 -14.76 -14.99
C THR A 55 40.27 -15.23 -14.00
N LEU A 56 40.67 -15.98 -12.98
CA LEU A 56 39.74 -16.40 -11.92
C LEU A 56 39.71 -15.39 -10.78
N HIS A 57 38.70 -15.52 -9.92
CA HIS A 57 38.43 -14.54 -8.87
C HIS A 57 39.35 -14.70 -7.65
N LYS A 58 39.69 -13.55 -7.06
CA LYS A 58 40.41 -13.44 -5.78
C LYS A 58 40.03 -14.55 -4.77
N ASP A 59 38.74 -14.66 -4.45
CA ASP A 59 38.23 -15.62 -3.46
C ASP A 59 37.96 -17.01 -4.04
N GLY A 60 38.67 -17.37 -5.12
CA GLY A 60 38.44 -18.62 -5.82
C GLY A 60 39.36 -19.77 -5.39
N PRO A 61 38.95 -21.03 -5.68
CA PRO A 61 39.66 -22.27 -5.34
C PRO A 61 41.16 -22.19 -5.59
N LEU A 62 41.57 -21.30 -6.49
CA LEU A 62 42.95 -21.17 -6.91
C LEU A 62 43.51 -19.75 -6.68
N GLY A 63 42.64 -18.80 -6.34
CA GLY A 63 43.04 -17.40 -6.17
C GLY A 63 42.93 -16.61 -7.46
N GLU A 64 43.43 -15.38 -7.47
CA GLU A 64 43.38 -14.54 -8.69
C GLU A 64 44.53 -14.84 -9.66
N THR A 65 44.30 -15.79 -10.57
CA THR A 65 45.32 -16.16 -11.54
C THR A 65 44.77 -16.30 -12.95
N VAL A 66 45.58 -15.84 -13.90
CA VAL A 66 45.32 -15.99 -15.31
C VAL A 66 45.63 -17.43 -15.71
N LEU A 67 44.63 -18.12 -16.24
CA LEU A 67 44.82 -19.50 -16.70
C LEU A 67 45.75 -19.53 -17.90
N GLU A 68 46.82 -20.31 -17.78
CA GLU A 68 47.81 -20.47 -18.85
C GLU A 68 48.57 -21.78 -18.67
N CYS A 69 49.10 -22.29 -19.77
CA CYS A 69 49.88 -23.53 -19.77
C CYS A 69 51.22 -23.32 -19.02
N TYR A 70 51.54 -24.23 -18.09
CA TYR A 70 52.77 -24.12 -17.31
C TYR A 70 53.99 -24.25 -18.20
N ASN A 71 53.83 -24.95 -19.32
CA ASN A 71 54.91 -25.12 -20.29
C ASN A 71 55.20 -23.87 -21.09
N CYS A 72 54.20 -23.32 -21.78
CA CYS A 72 54.41 -22.25 -22.75
C CYS A 72 53.69 -20.93 -22.46
N GLY A 73 52.76 -20.95 -21.53
CA GLY A 73 52.00 -19.75 -21.20
C GLY A 73 50.90 -19.43 -22.20
N CYS A 74 50.48 -20.44 -22.97
CA CYS A 74 49.34 -20.26 -23.87
C CYS A 74 48.08 -20.07 -23.05
N ARG A 75 47.37 -18.99 -23.35
CA ARG A 75 46.19 -18.62 -22.57
C ARG A 75 44.86 -19.04 -23.21
N ASN A 76 44.92 -19.79 -24.32
CA ASN A 76 43.68 -20.26 -24.96
C ASN A 76 43.03 -21.42 -24.21
N VAL A 77 41.85 -21.13 -23.68
CA VAL A 77 41.09 -22.05 -22.83
C VAL A 77 40.59 -23.31 -23.57
N PHE A 78 40.36 -23.18 -24.87
CA PHE A 78 39.92 -24.31 -25.69
C PHE A 78 41.08 -25.25 -26.03
N LEU A 79 42.28 -24.85 -25.65
CA LEU A 79 43.47 -25.66 -25.90
C LEU A 79 44.05 -26.19 -24.60
N LEU A 80 43.60 -25.62 -23.47
CA LEU A 80 44.15 -26.00 -22.18
C LEU A 80 43.47 -27.24 -21.62
N GLY A 81 44.06 -27.81 -20.57
CA GLY A 81 43.60 -29.06 -19.98
C GLY A 81 44.61 -29.64 -19.01
N PHE A 82 44.16 -30.59 -18.20
CA PHE A 82 44.99 -31.17 -17.15
C PHE A 82 45.56 -32.55 -17.50
N ILE A 83 46.83 -32.76 -17.13
CA ILE A 83 47.42 -34.10 -17.06
C ILE A 83 47.74 -34.46 -15.60
N PRO A 84 47.39 -35.69 -15.16
CA PRO A 84 47.59 -36.12 -13.76
C PRO A 84 49.07 -36.22 -13.34
N VAL A 90 48.32 -33.26 -7.55
CA VAL A 90 49.53 -33.56 -8.31
C VAL A 90 49.24 -33.42 -9.82
N VAL A 91 48.72 -32.25 -10.21
CA VAL A 91 48.17 -32.02 -11.55
C VAL A 91 48.80 -30.81 -12.26
N VAL A 92 48.87 -30.87 -13.60
CA VAL A 92 49.47 -29.80 -14.43
C VAL A 92 48.54 -29.33 -15.58
N LEU A 93 48.50 -28.01 -15.79
CA LEU A 93 47.75 -27.40 -16.89
C LEU A 93 48.62 -27.21 -18.16
N LEU A 94 48.24 -27.89 -19.25
CA LEU A 94 49.05 -27.91 -20.49
C LEU A 94 48.23 -27.89 -21.77
N CYS A 95 48.76 -27.23 -22.80
CA CYS A 95 48.19 -27.26 -24.15
C CYS A 95 48.07 -28.70 -24.64
N ARG A 96 46.91 -29.02 -25.22
CA ARG A 96 46.67 -30.35 -25.77
C ARG A 96 47.81 -30.75 -26.71
N GLN A 97 48.15 -29.81 -27.60
CA GLN A 97 49.28 -29.94 -28.51
C GLN A 97 50.11 -28.67 -28.46
N PRO A 98 51.45 -28.82 -28.35
CA PRO A 98 52.18 -30.08 -28.25
C PRO A 98 52.56 -30.46 -26.81
N CYS A 99 52.14 -29.64 -25.86
CA CYS A 99 52.56 -29.75 -24.46
C CYS A 99 52.10 -31.02 -23.75
N ALA A 100 50.90 -31.48 -24.07
CA ALA A 100 50.40 -32.77 -23.55
C ALA A 100 51.05 -33.93 -24.28
N SER A 101 51.47 -33.68 -25.52
CA SER A 101 52.21 -34.66 -26.32
C SER A 101 53.48 -35.08 -25.58
N GLN A 102 53.70 -36.39 -25.54
CA GLN A 102 54.81 -37.01 -24.80
C GLN A 102 56.20 -36.64 -25.35
N SER A 103 56.23 -35.95 -26.49
CA SER A 103 57.48 -35.49 -27.10
C SER A 103 58.12 -34.30 -26.36
N SER A 104 57.35 -33.65 -25.47
CA SER A 104 57.87 -32.64 -24.55
C SER A 104 57.05 -32.57 -23.27
N TRP A 115 44.80 -37.21 -20.39
CA TRP A 115 44.56 -35.78 -20.56
C TRP A 115 43.10 -35.43 -20.34
N GLN A 116 42.86 -34.22 -19.83
CA GLN A 116 41.50 -33.73 -19.65
C GLN A 116 41.31 -32.32 -20.19
N PRO A 117 40.22 -32.10 -20.95
CA PRO A 117 39.89 -30.76 -21.45
C PRO A 117 39.47 -29.85 -20.30
N LEU A 118 39.86 -28.58 -20.38
CA LEU A 118 39.52 -27.59 -19.35
C LEU A 118 38.05 -27.18 -19.48
N ILE A 119 37.63 -26.91 -20.72
CA ILE A 119 36.22 -26.80 -21.05
C ILE A 119 35.77 -28.21 -21.44
N GLN A 120 34.74 -28.70 -20.75
CA GLN A 120 34.24 -30.05 -20.99
C GLN A 120 32.73 -30.06 -20.89
N ASP A 121 32.07 -30.61 -21.90
CA ASP A 121 30.61 -30.54 -22.01
C ASP A 121 30.13 -29.09 -21.90
N ARG A 122 30.70 -28.24 -22.74
CA ARG A 122 30.29 -26.84 -22.88
C ARG A 122 30.33 -25.98 -21.60
N CYS A 123 31.26 -26.31 -20.68
CA CYS A 123 31.62 -25.42 -19.56
C CYS A 123 32.90 -25.84 -18.84
N PHE A 124 33.38 -24.99 -17.94
CA PHE A 124 34.61 -25.21 -17.18
C PHE A 124 34.51 -26.38 -16.21
N LEU A 125 35.64 -27.02 -15.95
CA LEU A 125 35.73 -28.09 -14.96
C LEU A 125 35.14 -27.64 -13.64
N SER A 126 34.25 -28.47 -13.09
CA SER A 126 33.52 -28.11 -11.87
C SER A 126 34.44 -27.80 -10.70
N TRP A 127 35.56 -28.52 -10.62
CA TRP A 127 36.50 -28.37 -9.51
C TRP A 127 37.57 -27.28 -9.70
N LEU A 128 37.48 -26.53 -10.80
CA LEU A 128 38.25 -25.30 -10.94
C LEU A 128 37.34 -24.07 -10.84
N VAL A 129 36.19 -24.14 -11.50
CA VAL A 129 35.15 -23.12 -11.35
C VAL A 129 33.83 -23.82 -11.06
N LYS A 130 33.31 -23.58 -9.87
CA LYS A 130 32.12 -24.28 -9.38
C LYS A 130 30.89 -23.98 -10.21
N ILE A 131 30.00 -24.96 -10.33
CA ILE A 131 28.72 -24.74 -10.99
C ILE A 131 27.71 -24.32 -9.93
N PRO A 132 27.00 -23.21 -10.17
CA PRO A 132 25.94 -22.74 -9.27
C PRO A 132 24.84 -23.77 -9.13
N SER A 133 24.35 -23.94 -7.91
CA SER A 133 23.24 -24.86 -7.62
C SER A 133 21.98 -24.43 -8.36
N GLU A 134 21.02 -25.34 -8.48
CA GLU A 134 19.76 -25.01 -9.11
C GLU A 134 19.10 -23.76 -8.54
N GLN A 135 19.06 -23.63 -7.21
CA GLN A 135 18.38 -22.47 -6.61
C GLN A 135 18.91 -21.14 -7.10
N GLU A 136 20.24 -20.98 -7.08
CA GLU A 136 20.84 -19.74 -7.51
C GLU A 136 20.43 -19.41 -8.93
N GLN A 137 20.57 -20.40 -9.81
CA GLN A 137 20.24 -20.27 -11.24
C GLN A 137 18.75 -20.04 -11.47
N LEU A 138 17.92 -20.65 -10.63
CA LEU A 138 16.48 -20.48 -10.74
C LEU A 138 16.08 -19.08 -10.32
N ARG A 139 16.96 -18.41 -9.59
CA ARG A 139 16.75 -17.07 -9.05
C ARG A 139 17.37 -15.97 -9.91
N ALA A 140 18.25 -16.37 -10.82
CA ALA A 140 18.94 -15.43 -11.68
C ALA A 140 18.06 -15.01 -12.85
N ARG A 141 18.46 -13.95 -13.55
CA ARG A 141 17.76 -13.54 -14.76
C ARG A 141 17.71 -14.71 -15.74
N GLN A 142 16.51 -15.02 -16.21
CA GLN A 142 16.28 -16.15 -17.11
C GLN A 142 16.56 -15.76 -18.57
N ILE A 143 17.81 -15.41 -18.85
CA ILE A 143 18.23 -15.01 -20.20
C ILE A 143 18.27 -16.19 -21.19
N THR A 144 17.53 -16.09 -22.29
CA THR A 144 17.49 -17.16 -23.31
C THR A 144 18.69 -17.07 -24.26
N ALA A 145 18.93 -18.16 -25.00
CA ALA A 145 20.00 -18.19 -26.02
C ALA A 145 19.75 -17.19 -27.14
N GLN A 146 18.50 -17.06 -27.56
CA GLN A 146 18.12 -16.08 -28.59
C GLN A 146 18.27 -14.64 -28.11
N GLN A 147 18.26 -14.45 -26.79
CA GLN A 147 18.54 -13.16 -26.17
C GLN A 147 20.05 -12.89 -26.03
N ILE A 148 20.84 -13.93 -25.80
CA ILE A 148 22.32 -13.81 -25.78
C ILE A 148 22.85 -13.31 -27.13
N ASN A 149 22.38 -13.92 -28.21
CA ASN A 149 22.74 -13.50 -29.55
C ASN A 149 22.63 -12.00 -29.72
N LYS A 150 21.43 -11.50 -29.50
CA LYS A 150 21.11 -10.10 -29.71
C LYS A 150 21.87 -9.15 -28.78
N LEU A 151 22.01 -9.54 -27.51
CA LEU A 151 22.76 -8.73 -26.53
C LEU A 151 24.23 -8.67 -26.90
N GLU A 152 24.79 -9.82 -27.27
CA GLU A 152 26.19 -9.95 -27.66
C GLU A 152 26.44 -9.29 -29.02
N GLU A 153 25.37 -9.17 -29.82
CA GLU A 153 25.42 -8.46 -31.09
C GLU A 153 25.54 -6.95 -30.89
N LEU A 154 24.93 -6.43 -29.83
CA LEU A 154 24.99 -4.99 -29.53
C LEU A 154 26.30 -4.54 -28.87
N TRP A 155 26.80 -5.34 -27.94
CA TRP A 155 28.08 -5.08 -27.27
C TRP A 155 29.21 -4.87 -28.26
N LYS A 156 29.06 -5.47 -29.45
CA LYS A 156 30.02 -5.31 -30.55
C LYS A 156 30.41 -3.86 -30.78
N GLU A 157 29.43 -2.96 -30.88
CA GLU A 157 29.72 -1.54 -31.04
C GLU A 157 29.15 -0.64 -29.93
N ASN A 158 28.53 -1.27 -28.93
CA ASN A 158 28.08 -0.57 -27.73
C ASN A 158 28.25 -1.46 -26.49
N PRO A 159 29.49 -1.55 -25.95
CA PRO A 159 29.73 -2.44 -24.81
C PRO A 159 28.96 -2.04 -23.53
N SER A 160 28.26 -0.92 -23.57
CA SER A 160 27.54 -0.39 -22.41
C SER A 160 26.13 -0.97 -22.24
N ALA A 161 25.51 -1.35 -23.36
CA ALA A 161 24.08 -1.70 -23.41
C ALA A 161 23.66 -2.87 -22.50
N THR A 162 22.36 -2.93 -22.21
CA THR A 162 21.74 -4.06 -21.52
C THR A 162 20.46 -4.51 -22.25
N LEU A 163 19.85 -5.58 -21.75
CA LEU A 163 18.72 -6.26 -22.40
C LEU A 163 17.51 -5.38 -22.80
N GLU A 164 17.34 -4.26 -22.10
CA GLU A 164 16.18 -3.38 -22.26
C GLU A 164 16.09 -2.73 -23.67
N ASP A 165 17.24 -2.61 -24.34
CA ASP A 165 17.29 -1.99 -25.67
C ASP A 165 16.89 -2.99 -26.74
N GLU A 174 3.73 2.70 -25.81
CA GLU A 174 2.63 2.14 -25.00
C GLU A 174 3.12 1.01 -24.11
N PRO A 175 2.97 1.17 -22.78
CA PRO A 175 3.65 0.28 -21.82
C PRO A 175 3.16 -1.17 -21.85
N GLN A 176 4.10 -2.08 -21.67
CA GLN A 176 3.83 -3.50 -21.53
C GLN A 176 2.86 -3.81 -20.37
N HIS A 177 1.82 -4.58 -20.65
CA HIS A 177 0.79 -4.98 -19.68
C HIS A 177 1.35 -5.90 -18.58
N VAL A 178 0.84 -5.76 -17.36
CA VAL A 178 1.14 -6.64 -16.23
C VAL A 178 0.80 -8.10 -16.55
N LEU A 179 1.56 -9.04 -16.00
CA LEU A 179 1.41 -10.45 -16.32
C LEU A 179 0.99 -11.26 -15.10
N LEU A 180 0.48 -12.47 -15.29
CA LEU A 180 0.24 -13.38 -14.15
C LEU A 180 1.53 -13.96 -13.59
N ARG A 181 2.44 -14.31 -14.50
CA ARG A 181 3.64 -15.05 -14.20
C ARG A 181 4.83 -14.35 -14.81
N TYR A 182 5.93 -14.39 -14.09
CA TYR A 182 7.13 -13.70 -14.47
C TYR A 182 8.23 -14.72 -14.45
N GLU A 183 9.10 -14.63 -15.45
CA GLU A 183 10.34 -15.39 -15.52
C GLU A 183 11.23 -15.08 -14.33
N ASP A 184 11.19 -13.82 -13.91
CA ASP A 184 12.26 -13.16 -13.16
C ASP A 184 11.75 -11.98 -12.40
N ALA A 185 12.43 -11.68 -11.29
CA ALA A 185 12.28 -10.37 -10.69
C ALA A 185 12.78 -9.28 -11.64
N TYR A 186 13.78 -9.58 -12.47
CA TYR A 186 14.23 -8.64 -13.50
C TYR A 186 13.14 -8.31 -14.52
N GLN A 187 12.41 -9.32 -14.96
CA GLN A 187 11.30 -9.08 -15.89
C GLN A 187 10.21 -8.30 -15.18
N TYR A 188 10.04 -8.63 -13.90
CA TYR A 188 9.10 -7.97 -12.99
C TYR A 188 9.42 -6.48 -12.86
N GLN A 189 10.65 -6.13 -12.51
CA GLN A 189 11.08 -4.73 -12.47
C GLN A 189 10.81 -4.01 -13.80
N ASN A 190 11.15 -4.66 -14.92
CA ASN A 190 10.98 -4.11 -16.25
C ASN A 190 9.52 -3.87 -16.63
N ILE A 191 8.61 -4.57 -15.97
CA ILE A 191 7.21 -4.35 -16.29
C ILE A 191 6.56 -3.32 -15.37
N PHE A 192 6.80 -3.44 -14.07
CA PHE A 192 6.21 -2.50 -13.10
C PHE A 192 6.94 -1.16 -13.03
N GLY A 193 8.26 -1.20 -13.25
CA GLY A 193 9.12 -0.04 -13.18
C GLY A 193 8.58 1.11 -14.00
N PRO A 194 8.33 0.87 -15.31
CA PRO A 194 7.79 1.95 -16.16
C PRO A 194 6.36 2.32 -15.79
N LEU A 195 5.64 1.42 -15.12
CA LEU A 195 4.28 1.75 -14.64
C LEU A 195 4.33 2.75 -13.49
N VAL A 196 5.24 2.53 -12.56
CA VAL A 196 5.49 3.47 -11.46
C VAL A 196 5.93 4.84 -12.00
N LYS A 197 6.72 4.85 -13.06
CA LYS A 197 7.17 6.11 -13.65
C LYS A 197 6.02 6.91 -14.28
N LEU A 198 5.14 6.21 -14.99
CA LEU A 198 3.95 6.84 -15.55
C LEU A 198 3.11 7.48 -14.44
N GLU A 199 2.93 6.78 -13.31
CA GLU A 199 2.20 7.32 -12.15
C GLU A 199 2.89 8.54 -11.56
N ALA A 200 4.19 8.43 -11.31
CA ALA A 200 4.95 9.51 -10.71
C ALA A 200 4.86 10.77 -11.59
N ASP A 201 5.14 10.63 -12.87
CA ASP A 201 5.05 11.77 -13.77
C ASP A 201 3.66 12.37 -13.77
N TYR A 202 2.63 11.52 -13.85
CA TYR A 202 1.25 11.99 -13.88
C TYR A 202 0.96 12.81 -12.63
N ASP A 203 1.30 12.21 -11.49
CA ASP A 203 1.10 12.80 -10.20
C ASP A 203 1.82 14.15 -10.03
N LYS A 204 2.99 14.29 -10.67
CA LYS A 204 3.77 15.50 -10.53
C LYS A 204 3.04 16.64 -11.22
N LYS A 205 2.66 16.43 -12.48
CA LYS A 205 1.87 17.40 -13.25
C LYS A 205 0.54 17.69 -12.58
N LEU A 206 -0.11 16.65 -12.04
CA LEU A 206 -1.38 16.85 -11.36
C LEU A 206 -1.17 17.86 -10.26
N LYS A 207 -0.33 17.50 -9.29
CA LYS A 207 0.01 18.36 -8.16
C LYS A 207 0.36 19.77 -8.61
N GLU A 208 1.11 19.89 -9.70
CA GLU A 208 1.58 21.18 -10.16
C GLU A 208 0.49 22.00 -10.82
N SER A 209 -0.57 21.34 -11.28
CA SER A 209 -1.70 22.02 -11.91
C SER A 209 -2.63 22.65 -10.87
N GLN A 210 -2.42 22.31 -9.60
CA GLN A 210 -3.38 22.60 -8.52
C GLN A 210 -3.26 24.00 -7.87
N THR A 211 -2.18 24.72 -8.18
CA THR A 211 -1.94 26.09 -7.70
C THR A 211 -3.19 26.96 -7.60
N GLN A 212 -3.38 27.56 -6.43
CA GLN A 212 -4.48 28.50 -6.18
C GLN A 212 -3.88 29.88 -5.89
N ASP A 213 -4.50 30.93 -6.42
CA ASP A 213 -3.82 32.21 -6.60
C ASP A 213 -4.19 33.37 -5.68
N ASN A 214 -5.48 33.61 -5.48
CA ASN A 214 -5.90 34.81 -4.75
C ASN A 214 -6.49 34.44 -3.39
N ILE A 215 -5.65 33.95 -2.49
CA ILE A 215 -6.15 33.27 -1.29
C ILE A 215 -6.05 34.10 -0.03
N THR A 216 -7.11 34.06 0.77
CA THR A 216 -7.18 34.78 2.04
C THR A 216 -6.86 33.84 3.22
N VAL A 217 -5.96 34.27 4.10
CA VAL A 217 -5.50 33.44 5.23
C VAL A 217 -6.00 33.96 6.57
N ARG A 218 -6.45 33.05 7.43
CA ARG A 218 -6.64 33.40 8.83
C ARG A 218 -5.45 32.84 9.60
N TRP A 219 -4.79 33.69 10.38
CA TRP A 219 -3.63 33.23 11.16
C TRP A 219 -4.04 32.83 12.55
N ASP A 220 -3.28 31.91 13.14
CA ASP A 220 -3.53 31.42 14.48
C ASP A 220 -2.27 30.83 15.10
N LEU A 221 -2.37 30.43 16.36
CA LEU A 221 -1.24 29.90 17.13
C LEU A 221 -1.69 28.65 17.88
N GLY A 222 -1.05 27.53 17.61
CA GLY A 222 -1.33 26.26 18.32
C GLY A 222 -0.90 26.34 19.77
N LEU A 223 -1.29 25.32 20.55
CA LEU A 223 -0.90 25.26 21.97
C LEU A 223 0.54 24.80 22.13
N ASN A 224 1.00 24.06 21.11
CA ASN A 224 2.40 23.74 20.93
C ASN A 224 3.19 24.97 20.47
N LYS A 225 2.46 26.07 20.26
CA LYS A 225 3.03 27.38 19.91
C LYS A 225 3.62 27.47 18.48
N LYS A 226 3.20 26.56 17.61
CA LYS A 226 3.54 26.65 16.18
C LYS A 226 2.54 27.54 15.42
N ARG A 227 2.98 28.06 14.29
CA ARG A 227 2.14 28.92 13.48
C ARG A 227 1.18 28.13 12.59
N ILE A 228 -0.10 28.50 12.61
CA ILE A 228 -1.11 27.83 11.80
C ILE A 228 -1.80 28.79 10.84
N ALA A 229 -1.91 28.40 9.58
CA ALA A 229 -2.67 29.17 8.58
C ALA A 229 -3.99 28.51 8.14
N TYR A 230 -5.10 29.24 8.18
CA TYR A 230 -6.35 28.73 7.65
C TYR A 230 -6.74 29.43 6.37
N PHE A 231 -7.26 28.65 5.43
CA PHE A 231 -7.72 29.20 4.15
C PHE A 231 -8.69 28.24 3.49
N THR A 232 -9.49 28.77 2.58
CA THR A 232 -10.52 28.02 1.89
C THR A 232 -10.24 27.97 0.40
N LEU A 233 -10.33 26.78 -0.18
CA LEU A 233 -10.12 26.57 -1.61
C LEU A 233 -11.42 26.27 -2.35
N PRO A 234 -11.42 26.31 -3.70
CA PRO A 234 -12.60 25.83 -4.41
C PRO A 234 -12.91 24.39 -4.07
N LYS A 235 -14.18 24.03 -4.20
CA LYS A 235 -14.61 22.68 -3.84
C LYS A 235 -14.27 21.65 -4.93
N THR A 236 -13.37 20.72 -4.61
CA THR A 236 -12.86 19.76 -5.60
C THR A 236 -12.93 18.30 -5.13
N ASP A 237 -13.22 17.40 -6.07
CA ASP A 237 -13.01 15.97 -5.86
C ASP A 237 -11.85 15.48 -6.70
N SER A 238 -11.01 14.64 -6.09
CA SER A 238 -9.86 14.03 -6.77
C SER A 238 -9.74 12.56 -6.40
N ARG A 241 -7.18 12.42 -2.82
CA ARG A 241 -7.60 13.66 -2.16
C ARG A 241 -6.51 14.27 -1.25
N LEU A 242 -6.69 15.55 -0.89
CA LEU A 242 -5.91 16.19 0.15
C LEU A 242 -5.94 15.41 1.46
N MET A 243 -4.77 15.25 2.07
CA MET A 243 -4.59 14.39 3.25
C MET A 243 -3.79 15.13 4.31
N GLN A 244 -4.17 14.96 5.57
CA GLN A 244 -3.38 15.49 6.67
C GLN A 244 -1.92 15.06 6.51
N GLY A 245 -1.00 16.01 6.66
CA GLY A 245 0.41 15.71 6.52
C GLY A 245 0.95 16.00 5.14
N ASP A 246 0.07 16.23 4.17
CA ASP A 246 0.52 16.74 2.88
C ASP A 246 1.16 18.12 3.05
N GLU A 247 2.05 18.42 2.11
CA GLU A 247 2.93 19.54 2.22
C GLU A 247 2.45 20.67 1.33
N ILE A 248 2.38 21.88 1.86
CA ILE A 248 1.89 23.01 1.08
C ILE A 248 2.85 24.18 1.16
N CYS A 249 3.11 24.76 -0.02
CA CYS A 249 3.94 25.94 -0.06
C CYS A 249 3.05 27.17 -0.14
N LEU A 250 3.18 28.02 0.88
CA LEU A 250 2.37 29.20 1.02
C LEU A 250 3.24 30.44 0.73
N ARG A 251 2.94 31.14 -0.36
CA ARG A 251 3.70 32.32 -0.79
C ARG A 251 2.87 33.58 -0.57
N TYR A 252 3.47 34.59 0.04
CA TYR A 252 2.84 35.90 0.07
C TYR A 252 3.18 36.69 -1.19
N LYS A 253 2.15 37.20 -1.86
CA LYS A 253 2.34 37.87 -3.15
C LYS A 253 1.64 39.23 -3.26
N GLY A 254 1.07 39.70 -2.15
CA GLY A 254 0.45 41.02 -2.07
C GLY A 254 1.50 42.11 -2.02
N ASP A 255 1.06 43.34 -1.81
CA ASP A 255 1.99 44.50 -1.71
C ASP A 255 1.85 45.29 -0.39
N LEU A 256 1.12 44.70 0.57
CA LEU A 256 1.10 45.20 1.95
C LEU A 256 2.41 44.85 2.70
N ALA A 257 3.26 44.05 2.05
CA ALA A 257 4.60 43.66 2.54
C ALA A 257 5.43 42.99 1.42
N PRO A 258 6.62 42.43 1.75
CA PRO A 258 7.42 41.83 0.68
C PRO A 258 7.29 40.30 0.53
N LEU A 259 7.89 39.79 -0.55
CA LEU A 259 7.78 38.39 -0.96
C LEU A 259 8.27 37.39 0.10
N TRP A 260 7.36 36.48 0.49
CA TRP A 260 7.59 35.53 1.57
C TRP A 260 7.00 34.17 1.23
N LYS A 261 7.72 33.12 1.59
CA LYS A 261 7.35 31.77 1.22
C LYS A 261 7.51 30.90 2.47
N GLY A 262 6.55 30.00 2.68
CA GLY A 262 6.63 29.08 3.80
C GLY A 262 6.08 27.69 3.51
N ILE A 263 6.74 26.69 4.08
CA ILE A 263 6.25 25.31 4.03
C ILE A 263 5.49 24.93 5.31
N GLY A 264 4.40 24.20 5.12
CA GLY A 264 3.57 23.79 6.21
C GLY A 264 2.96 22.46 5.86
N HIS A 265 2.34 21.83 6.84
CA HIS A 265 1.75 20.54 6.60
C HIS A 265 0.30 20.54 7.03
N VAL A 266 -0.52 19.79 6.28
CA VAL A 266 -1.96 19.89 6.48
C VAL A 266 -2.38 19.27 7.79
N ILE A 267 -3.08 20.02 8.61
CA ILE A 267 -3.62 19.50 9.85
C ILE A 267 -5.13 19.53 9.91
N LYS A 268 -5.77 20.09 8.89
CA LYS A 268 -7.22 20.13 8.80
C LYS A 268 -7.65 20.19 7.35
N VAL A 269 -8.53 19.28 6.96
CA VAL A 269 -9.18 19.35 5.66
C VAL A 269 -10.62 19.78 5.89
N PRO A 270 -11.34 20.12 4.82
CA PRO A 270 -12.71 20.58 5.06
C PRO A 270 -13.57 19.45 5.64
N ASP A 271 -14.30 19.74 6.70
CA ASP A 271 -14.97 18.72 7.49
C ASP A 271 -16.15 19.33 8.19
N ASN A 272 -16.54 18.74 9.31
CA ASN A 272 -17.76 19.12 10.00
C ASN A 272 -17.61 20.40 10.75
N TYR A 273 -16.38 20.89 10.83
CA TYR A 273 -16.10 22.15 11.54
C TYR A 273 -15.97 23.29 10.55
N GLY A 274 -16.10 22.97 9.26
CA GLY A 274 -16.14 24.01 8.25
C GLY A 274 -15.23 23.68 7.09
N ASP A 275 -15.20 24.57 6.12
CA ASP A 275 -14.50 24.32 4.87
C ASP A 275 -13.03 24.67 4.88
N GLU A 276 -12.49 25.15 5.99
CA GLU A 276 -11.11 25.59 5.98
C GLU A 276 -10.11 24.46 5.94
N ILE A 277 -9.06 24.66 5.16
CA ILE A 277 -7.84 23.84 5.27
C ILE A 277 -6.92 24.57 6.25
N ALA A 278 -6.21 23.83 7.09
CA ALA A 278 -5.24 24.41 8.00
C ALA A 278 -3.91 23.74 7.80
N ILE A 279 -2.86 24.55 7.76
CA ILE A 279 -1.52 24.01 7.77
C ILE A 279 -0.71 24.49 8.93
N GLU A 280 0.18 23.63 9.40
CA GLU A 280 1.12 23.98 10.42
C GLU A 280 2.46 24.26 9.73
N LEU A 281 2.97 25.49 9.86
CA LEU A 281 4.27 25.84 9.30
C LEU A 281 5.40 25.08 10.01
N ARG A 282 6.38 24.61 9.24
CA ARG A 282 7.62 24.09 9.79
C ARG A 282 8.28 25.13 10.69
N SER A 283 8.58 26.29 10.11
CA SER A 283 9.20 27.37 10.83
C SER A 283 8.18 28.40 11.26
N SER A 284 8.25 28.79 12.52
CA SER A 284 7.48 29.89 13.03
C SER A 284 7.96 31.22 12.41
N VAL A 285 9.27 31.32 12.23
CA VAL A 285 9.95 32.61 12.04
C VAL A 285 9.59 33.40 10.78
N GLY A 286 9.16 34.64 11.01
CA GLY A 286 8.90 35.59 9.93
C GLY A 286 7.58 35.39 9.20
N ALA A 287 6.68 34.60 9.79
CA ALA A 287 5.34 34.41 9.22
C ALA A 287 4.59 35.75 9.24
N PRO A 288 4.12 36.22 8.06
CA PRO A 288 3.42 37.50 7.87
C PRO A 288 2.03 37.57 8.53
N VAL A 289 1.96 37.14 9.78
CA VAL A 289 0.75 37.14 10.62
C VAL A 289 -0.20 38.34 10.44
N GLU A 290 0.35 39.52 10.19
CA GLU A 290 -0.45 40.76 10.17
C GLU A 290 -1.28 40.91 8.89
N VAL A 291 -0.87 40.18 7.84
CA VAL A 291 -1.44 40.33 6.51
C VAL A 291 -2.30 39.12 6.14
N THR A 292 -3.28 39.36 5.27
CA THR A 292 -4.41 38.46 5.15
C THR A 292 -4.83 38.09 3.71
N HIS A 293 -4.68 39.02 2.77
CA HIS A 293 -5.10 38.81 1.40
C HIS A 293 -3.90 38.54 0.49
N ASN A 294 -4.14 37.95 -0.68
CA ASN A 294 -3.10 37.74 -1.69
C ASN A 294 -2.03 36.69 -1.39
N PHE A 295 -2.44 35.55 -0.86
CA PHE A 295 -1.53 34.42 -0.70
C PHE A 295 -1.71 33.43 -1.85
N GLN A 296 -0.63 32.72 -2.19
CA GLN A 296 -0.70 31.69 -3.21
C GLN A 296 -0.41 30.31 -2.60
N VAL A 297 -1.21 29.33 -2.95
CA VAL A 297 -1.09 28.01 -2.35
C VAL A 297 -0.64 27.05 -3.42
N ASP A 298 0.46 26.38 -3.14
CA ASP A 298 1.01 25.35 -4.01
C ASP A 298 1.06 24.05 -3.23
N PHE A 299 0.84 22.94 -3.93
CA PHE A 299 0.87 21.61 -3.34
C PHE A 299 2.18 20.98 -3.71
N VAL A 300 3.11 20.93 -2.76
CA VAL A 300 4.45 20.43 -3.04
C VAL A 300 4.40 18.95 -3.38
N TRP A 301 4.98 18.59 -4.52
CA TRP A 301 5.14 17.20 -4.91
C TRP A 301 6.49 16.65 -4.41
N LYS A 302 6.48 15.42 -3.92
CA LYS A 302 7.75 14.74 -3.56
C LYS A 302 7.84 13.39 -4.29
N SER A 303 9.04 13.02 -4.68
CA SER A 303 9.25 11.77 -5.40
C SER A 303 9.33 10.54 -4.47
N THR A 304 9.44 10.79 -3.17
CA THR A 304 9.77 9.78 -2.17
C THR A 304 9.09 8.42 -2.36
N SER A 305 7.77 8.42 -2.44
CA SER A 305 7.05 7.17 -2.41
C SER A 305 7.31 6.36 -3.69
N PHE A 306 7.42 7.06 -4.80
CA PHE A 306 7.79 6.46 -6.07
C PHE A 306 9.24 5.97 -6.09
N ASP A 307 10.17 6.73 -5.50
CA ASP A 307 11.56 6.29 -5.38
C ASP A 307 11.62 4.98 -4.60
N ARG A 308 10.90 4.93 -3.48
CA ARG A 308 10.89 3.75 -2.61
C ARG A 308 10.32 2.53 -3.34
N MET A 309 9.33 2.77 -4.20
CA MET A 309 8.74 1.73 -5.04
C MET A 309 9.73 1.24 -6.10
N GLN A 310 10.43 2.18 -6.74
CA GLN A 310 11.41 1.86 -7.77
C GLN A 310 12.54 1.08 -7.14
N SER A 311 12.87 1.45 -5.91
CA SER A 311 13.99 0.87 -5.24
C SER A 311 13.63 -0.55 -4.78
N ALA A 312 12.40 -0.75 -4.34
CA ALA A 312 11.95 -2.07 -3.91
C ALA A 312 11.93 -3.06 -5.09
N LEU A 313 11.60 -2.56 -6.28
CA LEU A 313 11.69 -3.36 -7.47
C LEU A 313 13.15 -3.72 -7.72
N LYS A 314 14.03 -2.74 -7.55
CA LYS A 314 15.45 -2.96 -7.79
C LYS A 314 15.95 -4.05 -6.85
N THR A 315 15.71 -3.89 -5.56
CA THR A 315 16.21 -4.91 -4.64
C THR A 315 15.55 -6.30 -4.80
N PHE A 316 14.28 -6.33 -5.19
CA PHE A 316 13.63 -7.60 -5.48
C PHE A 316 14.38 -8.35 -6.59
N ALA A 317 14.86 -7.64 -7.60
CA ALA A 317 15.70 -8.23 -8.66
C ALA A 317 17.12 -8.56 -8.20
N VAL A 318 17.76 -7.61 -7.53
CA VAL A 318 19.22 -7.61 -7.31
C VAL A 318 19.68 -8.36 -6.06
N ASP A 319 18.86 -8.38 -5.02
CA ASP A 319 19.25 -8.90 -3.72
C ASP A 319 18.51 -10.23 -3.45
N GLU A 320 19.26 -11.32 -3.46
CA GLU A 320 18.68 -12.64 -3.23
C GLU A 320 18.36 -12.95 -1.75
N THR A 321 18.76 -12.05 -0.83
CA THR A 321 18.46 -12.22 0.60
C THR A 321 17.22 -11.40 0.96
N SER A 322 16.69 -10.66 0.02
CA SER A 322 15.66 -9.69 0.35
C SER A 322 14.28 -10.35 0.61
N VAL A 323 14.05 -11.52 0.01
CA VAL A 323 12.89 -12.37 0.31
C VAL A 323 13.35 -13.82 0.16
N SER A 324 12.72 -14.76 0.86
CA SER A 324 13.12 -16.17 0.75
C SER A 324 12.89 -16.75 -0.65
N GLY A 325 13.65 -17.81 -0.97
CA GLY A 325 13.40 -18.59 -2.19
C GLY A 325 11.92 -18.93 -2.37
N TYR A 326 11.30 -19.41 -1.31
CA TYR A 326 9.88 -19.70 -1.39
C TYR A 326 9.04 -18.47 -1.82
N ILE A 327 9.22 -17.34 -1.13
CA ILE A 327 8.33 -16.20 -1.35
C ILE A 327 8.56 -15.73 -2.79
N TYR A 328 9.84 -15.64 -3.13
CA TYR A 328 10.30 -15.23 -4.45
C TYR A 328 9.54 -15.97 -5.57
N HIS A 329 9.60 -17.29 -5.53
CA HIS A 329 8.99 -18.08 -6.57
C HIS A 329 7.46 -18.00 -6.54
N LYS A 330 6.91 -17.98 -5.33
CA LYS A 330 5.47 -17.91 -5.17
C LYS A 330 4.91 -16.59 -5.72
N LEU A 331 5.54 -15.47 -5.37
CA LEU A 331 5.09 -14.14 -5.80
C LEU A 331 5.13 -13.99 -7.30
N LEU A 332 6.07 -14.69 -7.93
CA LEU A 332 6.28 -14.54 -9.38
C LEU A 332 5.44 -15.49 -10.21
N GLY A 333 4.62 -16.31 -9.56
CA GLY A 333 3.72 -17.24 -10.27
C GLY A 333 4.32 -18.55 -10.72
N HIS A 334 5.45 -18.92 -10.13
CA HIS A 334 6.07 -20.20 -10.43
C HIS A 334 5.38 -21.32 -9.66
N GLU A 335 5.52 -22.55 -10.15
CA GLU A 335 5.14 -23.76 -9.40
C GLU A 335 6.15 -23.99 -8.28
N VAL A 336 5.68 -23.99 -7.04
CA VAL A 336 6.50 -24.35 -5.90
C VAL A 336 5.80 -25.42 -5.07
N GLU A 337 6.56 -26.42 -4.62
CA GLU A 337 5.97 -27.42 -3.74
C GLU A 337 5.68 -26.71 -2.40
N ASP A 338 4.58 -27.08 -1.77
CA ASP A 338 4.24 -26.58 -0.46
C ASP A 338 5.37 -26.79 0.56
N VAL A 339 5.45 -25.88 1.51
CA VAL A 339 6.42 -25.95 2.59
C VAL A 339 5.67 -25.67 3.88
N ILE A 340 5.94 -26.47 4.91
CA ILE A 340 5.39 -26.20 6.23
C ILE A 340 6.44 -25.43 7.01
N ILE A 341 6.08 -24.23 7.47
CA ILE A 341 6.92 -23.47 8.36
C ILE A 341 6.93 -24.22 9.68
N LYS A 342 8.11 -24.61 10.13
CA LYS A 342 8.23 -25.26 11.43
C LYS A 342 7.82 -24.23 12.47
N CYS A 343 6.99 -24.63 13.43
CA CYS A 343 6.67 -23.74 14.55
C CYS A 343 5.84 -24.37 15.65
N GLN A 344 6.05 -23.90 16.87
CA GLN A 344 5.28 -24.32 18.02
C GLN A 344 3.97 -23.53 18.07
N LEU A 345 2.85 -24.22 17.86
CA LEU A 345 1.54 -23.56 17.91
C LEU A 345 1.22 -23.13 19.34
N PRO A 346 0.58 -21.95 19.51
CA PRO A 346 0.16 -21.61 20.86
C PRO A 346 -0.82 -22.64 21.39
N LYS A 347 -0.86 -22.79 22.72
CA LYS A 347 -1.88 -23.60 23.37
C LYS A 347 -3.29 -23.05 23.10
N ARG A 348 -3.42 -21.73 23.12
CA ARG A 348 -4.67 -21.06 22.82
C ARG A 348 -4.40 -20.01 21.74
N PHE A 349 -5.33 -19.90 20.79
CA PHE A 349 -5.18 -18.99 19.65
C PHE A 349 -5.68 -17.59 19.92
N THR A 350 -6.63 -17.48 20.83
CA THR A 350 -7.12 -16.19 21.22
C THR A 350 -5.98 -15.50 21.95
N ALA A 351 -5.73 -14.25 21.58
CA ALA A 351 -4.70 -13.46 22.24
C ALA A 351 -5.26 -12.75 23.47
N GLN A 352 -4.49 -12.76 24.55
CA GLN A 352 -4.80 -11.97 25.74
C GLN A 352 -5.10 -10.55 25.32
N GLY A 353 -6.13 -9.94 25.89
CA GLY A 353 -6.51 -8.58 25.54
C GLY A 353 -7.58 -8.52 24.45
N LEU A 354 -7.63 -9.54 23.61
CA LEU A 354 -8.59 -9.52 22.49
C LEU A 354 -9.72 -10.52 22.74
N PRO A 355 -10.84 -10.36 22.02
CA PRO A 355 -12.01 -11.27 22.08
C PRO A 355 -11.67 -12.71 21.69
N ASP A 356 -12.37 -13.67 22.27
CA ASP A 356 -12.31 -15.06 21.80
C ASP A 356 -12.57 -15.19 20.28
N LEU A 357 -11.67 -15.87 19.60
CA LEU A 357 -11.84 -16.12 18.17
C LEU A 357 -12.94 -17.17 17.88
N ASN A 358 -13.62 -17.01 16.73
CA ASN A 358 -14.59 -18.01 16.25
C ASN A 358 -13.86 -19.09 15.46
N HIS A 359 -14.57 -20.10 14.97
CA HIS A 359 -13.87 -21.21 14.38
C HIS A 359 -13.07 -20.85 13.13
N SER A 360 -13.62 -19.99 12.29
CA SER A 360 -12.92 -19.70 11.05
C SER A 360 -11.73 -18.79 11.32
N GLN A 361 -11.83 -17.96 12.33
CA GLN A 361 -10.67 -17.15 12.67
C GLN A 361 -9.57 -18.04 13.28
N VAL A 362 -9.96 -19.04 14.07
CA VAL A 362 -8.97 -19.91 14.71
C VAL A 362 -8.30 -20.63 13.59
N TYR A 363 -9.09 -21.03 12.60
CA TYR A 363 -8.56 -21.72 11.44
C TYR A 363 -7.51 -20.89 10.71
N ALA A 364 -7.86 -19.64 10.43
CA ALA A 364 -6.94 -18.72 9.75
C ALA A 364 -5.64 -18.55 10.55
N VAL A 365 -5.75 -18.29 11.84
CA VAL A 365 -4.54 -18.04 12.61
C VAL A 365 -3.62 -19.26 12.54
N LYS A 366 -4.17 -20.45 12.74
CA LYS A 366 -3.33 -21.62 12.82
C LYS A 366 -2.72 -22.05 11.47
N THR A 367 -3.48 -21.90 10.38
CA THR A 367 -2.99 -22.28 9.06
C THR A 367 -1.85 -21.37 8.62
N VAL A 368 -2.11 -20.09 8.81
CA VAL A 368 -1.21 -19.02 8.45
C VAL A 368 0.14 -19.12 9.17
N LEU A 369 0.15 -19.53 10.43
CA LEU A 369 1.40 -19.64 11.19
C LEU A 369 2.26 -20.75 10.66
N GLN A 370 1.65 -21.69 9.95
CA GLN A 370 2.34 -22.89 9.50
C GLN A 370 2.79 -22.87 8.05
N ARG A 371 2.58 -21.78 7.32
CA ARG A 371 3.08 -21.65 5.94
C ARG A 371 3.87 -20.34 5.74
N PRO A 372 4.78 -20.31 4.73
CA PRO A 372 5.54 -19.09 4.43
C PRO A 372 4.72 -17.99 3.79
N LEU A 373 3.70 -18.34 3.01
CA LEU A 373 2.89 -17.32 2.39
C LEU A 373 1.40 -17.60 2.48
N SER A 374 0.60 -16.63 2.90
CA SER A 374 -0.86 -16.79 2.97
C SER A 374 -1.66 -15.55 2.61
N LEU A 375 -2.87 -15.74 2.07
CA LEU A 375 -3.83 -14.67 1.93
C LEU A 375 -5.01 -14.95 2.84
N ILE A 376 -5.54 -13.90 3.44
CA ILE A 376 -6.76 -14.01 4.21
C ILE A 376 -7.75 -13.01 3.70
N GLN A 377 -8.94 -13.49 3.37
CA GLN A 377 -10.02 -12.59 2.99
C GLN A 377 -10.92 -12.27 4.18
N GLY A 378 -11.01 -10.99 4.53
CA GLY A 378 -11.83 -10.54 5.66
C GLY A 378 -13.02 -9.71 5.22
N PRO A 379 -14.13 -10.36 4.88
CA PRO A 379 -15.32 -9.60 4.52
C PRO A 379 -15.81 -8.68 5.66
N PRO A 380 -16.64 -7.68 5.33
CA PRO A 380 -17.10 -6.68 6.32
C PRO A 380 -17.72 -7.34 7.53
N GLY A 381 -17.35 -6.85 8.71
CA GLY A 381 -17.91 -7.35 9.95
C GLY A 381 -17.34 -8.67 10.42
N THR A 382 -16.30 -9.21 9.76
CA THR A 382 -15.85 -10.57 10.13
C THR A 382 -14.64 -10.64 11.09
N GLY A 383 -14.12 -9.49 11.52
CA GLY A 383 -13.04 -9.45 12.52
C GLY A 383 -11.66 -9.61 11.89
N LYS A 384 -11.53 -9.08 10.70
CA LYS A 384 -10.27 -9.01 10.00
C LYS A 384 -9.21 -8.41 10.93
N THR A 385 -9.52 -7.28 11.58
CA THR A 385 -8.53 -6.55 12.34
C THR A 385 -8.07 -7.32 13.58
N VAL A 386 -9.00 -7.91 14.30
CA VAL A 386 -8.71 -8.78 15.43
C VAL A 386 -7.93 -10.03 15.02
N THR A 387 -8.23 -10.54 13.83
CA THR A 387 -7.56 -11.74 13.39
C THR A 387 -6.12 -11.40 13.06
N SER A 388 -5.92 -10.23 12.44
CA SER A 388 -4.59 -9.81 12.09
C SER A 388 -3.76 -9.57 13.35
N ALA A 389 -4.39 -8.95 14.35
CA ALA A 389 -3.69 -8.61 15.58
C ALA A 389 -3.26 -9.90 16.32
N THR A 390 -4.10 -10.93 16.27
CA THR A 390 -3.84 -12.19 16.97
C THR A 390 -2.66 -12.92 16.32
N ILE A 391 -2.63 -12.92 14.99
CA ILE A 391 -1.55 -13.50 14.23
C ILE A 391 -0.25 -12.81 14.61
N VAL A 392 -0.27 -11.49 14.54
CA VAL A 392 0.91 -10.68 14.82
C VAL A 392 1.38 -11.06 16.19
N TYR A 393 0.44 -11.22 17.11
CA TYR A 393 0.75 -11.52 18.48
C TYR A 393 1.52 -12.83 18.63
N HIS A 394 1.10 -13.88 17.92
CA HIS A 394 1.79 -15.15 18.00
C HIS A 394 3.14 -15.05 17.29
N LEU A 395 3.17 -14.37 16.14
CA LEU A 395 4.44 -14.18 15.46
C LEU A 395 5.46 -13.49 16.38
N ALA A 396 5.03 -12.47 17.12
CA ALA A 396 5.95 -11.72 17.98
C ALA A 396 6.51 -12.59 19.13
N ARG A 397 5.71 -13.53 19.58
CA ARG A 397 6.14 -14.42 20.64
C ARG A 397 7.08 -15.54 20.17
N GLN A 398 7.35 -15.62 18.86
CA GLN A 398 8.25 -16.64 18.36
C GLN A 398 9.69 -16.14 18.45
N GLY A 399 9.80 -14.82 18.66
CA GLY A 399 11.05 -14.21 19.11
C GLY A 399 12.04 -13.94 18.00
N ASN A 400 11.56 -13.60 16.83
CA ASN A 400 12.49 -13.39 15.72
C ASN A 400 12.79 -11.91 15.45
N GLY A 401 12.96 -11.10 16.51
CA GLY A 401 13.04 -9.63 16.35
C GLY A 401 11.67 -9.06 16.04
N PRO A 402 11.56 -7.73 15.86
CA PRO A 402 10.29 -7.03 15.60
C PRO A 402 9.50 -7.56 14.42
N VAL A 403 8.22 -7.80 14.63
CA VAL A 403 7.33 -8.16 13.55
C VAL A 403 6.96 -6.87 12.80
N LEU A 404 6.99 -6.93 11.47
CA LEU A 404 6.62 -5.79 10.66
C LEU A 404 5.14 -5.88 10.24
N VAL A 405 4.39 -4.80 10.45
CA VAL A 405 2.97 -4.74 10.10
C VAL A 405 2.71 -3.48 9.27
N CYS A 406 2.11 -3.66 8.10
CA CYS A 406 1.84 -2.52 7.24
C CYS A 406 0.43 -2.58 6.70
N ALA A 407 -0.02 -1.44 6.20
CA ALA A 407 -1.20 -1.34 5.38
C ALA A 407 -1.04 -0.12 4.48
N PRO A 408 -1.86 0.01 3.41
CA PRO A 408 -1.61 1.10 2.50
C PRO A 408 -2.05 2.48 2.98
N SER A 409 -2.85 2.58 4.03
CA SER A 409 -3.35 3.89 4.41
C SER A 409 -3.08 4.11 5.88
N ASN A 410 -3.04 5.39 6.28
CA ASN A 410 -2.84 5.73 7.66
C ASN A 410 -3.92 5.26 8.63
N ILE A 411 -5.19 5.33 8.25
CA ILE A 411 -6.21 4.85 9.19
C ILE A 411 -6.15 3.34 9.38
N ALA A 412 -5.86 2.62 8.31
CA ALA A 412 -5.80 1.16 8.43
C ALA A 412 -4.59 0.74 9.30
N VAL A 413 -3.47 1.46 9.20
CA VAL A 413 -2.34 1.18 10.09
C VAL A 413 -2.77 1.48 11.53
N ASP A 414 -3.37 2.64 11.74
CA ASP A 414 -3.78 3.04 13.08
C ASP A 414 -4.77 2.04 13.70
N GLN A 415 -5.70 1.54 12.91
CA GLN A 415 -6.67 0.57 13.41
C GLN A 415 -5.95 -0.68 13.85
N LEU A 416 -4.96 -1.07 13.08
CA LEU A 416 -4.21 -2.25 13.40
C LEU A 416 -3.31 -2.04 14.64
N THR A 417 -2.63 -0.90 14.68
CA THR A 417 -1.79 -0.54 15.81
C THR A 417 -2.54 -0.59 17.12
N GLU A 418 -3.75 -0.02 17.11
CA GLU A 418 -4.59 -0.01 18.29
C GLU A 418 -4.96 -1.42 18.76
N LYS A 419 -5.36 -2.31 17.85
CA LYS A 419 -5.74 -3.67 18.30
C LYS A 419 -4.55 -4.43 18.88
N ILE A 420 -3.42 -4.35 18.18
CA ILE A 420 -2.19 -5.00 18.61
C ILE A 420 -1.76 -4.51 19.99
N HIS A 421 -2.03 -3.24 20.29
CA HIS A 421 -1.63 -2.63 21.55
C HIS A 421 -2.37 -3.27 22.69
N GLN A 422 -3.62 -3.67 22.42
CA GLN A 422 -4.47 -4.37 23.39
C GLN A 422 -3.84 -5.69 23.84
N THR A 423 -2.91 -6.24 23.05
CA THR A 423 -2.35 -7.51 23.45
C THR A 423 -1.25 -7.36 24.48
N GLY A 424 -0.77 -6.13 24.71
CA GLY A 424 0.26 -5.87 25.73
C GLY A 424 1.70 -5.81 25.22
N LEU A 425 1.89 -6.14 23.95
CA LEU A 425 3.19 -6.02 23.25
C LEU A 425 3.65 -4.56 23.12
N LYS A 426 4.98 -4.36 23.00
CA LYS A 426 5.56 -3.06 22.72
C LYS A 426 5.44 -2.78 21.24
N VAL A 427 4.69 -1.72 20.91
CA VAL A 427 4.38 -1.39 19.53
C VAL A 427 4.96 -0.01 19.20
N VAL A 428 5.69 0.09 18.08
CA VAL A 428 6.11 1.36 17.59
C VAL A 428 5.39 1.68 16.27
N ARG A 429 4.73 2.82 16.24
CA ARG A 429 4.12 3.31 15.01
C ARG A 429 5.10 4.28 14.39
N LEU A 430 5.51 3.99 13.16
CA LEU A 430 6.44 4.84 12.46
C LEU A 430 5.68 5.64 11.39
N CYS A 431 5.95 6.93 11.33
CA CYS A 431 5.42 7.74 10.24
C CYS A 431 6.45 8.74 9.75
N ALA A 432 6.16 9.34 8.60
CA ALA A 432 6.99 10.41 8.03
C ALA A 432 7.15 11.60 8.98
N LYS A 433 8.27 12.31 8.88
CA LYS A 433 8.45 13.54 9.63
C LYS A 433 7.33 14.58 9.35
N SER A 434 6.68 14.50 8.20
CA SER A 434 5.59 15.43 7.87
C SER A 434 4.29 15.08 8.56
N ARG A 435 4.09 13.80 8.87
CA ARG A 435 2.88 13.40 9.58
C ARG A 435 3.02 13.63 11.10
N GLU A 436 4.15 14.21 11.53
CA GLU A 436 4.42 14.33 12.97
C GLU A 436 3.46 15.23 13.74
N ALA A 437 2.91 16.25 13.09
CA ALA A 437 1.98 17.15 13.76
C ALA A 437 0.61 16.50 14.01
N ILE A 438 0.40 15.31 13.45
CA ILE A 438 -0.95 14.74 13.44
C ILE A 438 -1.25 13.92 14.68
N ASP A 439 -2.43 14.17 15.25
CA ASP A 439 -2.91 13.39 16.37
C ASP A 439 -3.86 12.32 15.87
N SER A 440 -3.77 11.14 16.46
CA SER A 440 -4.70 10.05 16.23
C SER A 440 -4.84 9.32 17.56
N PRO A 441 -5.74 8.32 17.63
CA PRO A 441 -5.76 7.55 18.89
C PRO A 441 -4.45 6.83 19.21
N VAL A 442 -3.62 6.55 18.21
CA VAL A 442 -2.36 5.83 18.45
C VAL A 442 -1.09 6.70 18.40
N SER A 443 -1.25 8.03 18.44
CA SER A 443 -0.10 8.95 18.40
C SER A 443 0.86 8.74 19.56
N PHE A 444 0.32 8.35 20.71
CA PHE A 444 1.16 8.08 21.86
C PHE A 444 2.15 6.94 21.54
N LEU A 445 1.86 6.11 20.53
CA LEU A 445 2.77 5.00 20.17
C LEU A 445 3.79 5.37 19.06
N ALA A 446 3.61 6.55 18.49
CA ALA A 446 4.44 6.98 17.38
C ALA A 446 5.88 7.11 17.88
N LEU A 447 6.81 6.69 17.03
CA LEU A 447 8.21 6.71 17.36
C LEU A 447 8.65 8.11 17.82
N HIS A 448 8.18 9.16 17.15
CA HIS A 448 8.67 10.50 17.54
C HIS A 448 8.20 10.92 18.91
N ASN A 449 6.98 10.52 19.28
CA ASN A 449 6.49 10.77 20.64
C ASN A 449 7.19 9.93 21.72
N GLN A 450 7.43 8.65 21.46
CA GLN A 450 8.21 7.79 22.38
C GLN A 450 9.64 8.28 22.64
N ILE A 451 10.33 8.75 21.60
CA ILE A 451 11.69 9.26 21.76
C ILE A 451 11.65 10.47 22.70
N ARG A 452 10.67 11.35 22.49
CA ARG A 452 10.44 12.48 23.37
C ARG A 452 10.31 12.14 24.86
N ASN A 453 9.89 10.92 25.18
CA ASN A 453 9.68 10.53 26.57
C ASN A 453 10.76 9.66 27.12
N MET A 454 11.88 9.58 26.42
CA MET A 454 12.98 8.76 26.88
C MET A 454 13.80 9.43 27.98
N ASP A 455 13.36 9.23 29.22
CA ASP A 455 14.05 9.80 30.39
C ASP A 455 15.43 9.19 30.66
N SER A 456 15.79 8.12 29.95
CA SER A 456 17.16 7.61 30.04
C SER A 456 18.12 8.44 29.21
N MET A 457 17.57 9.36 28.42
CA MET A 457 18.35 10.21 27.53
C MET A 457 18.17 11.73 27.74
N PRO A 458 18.62 12.25 28.89
CA PRO A 458 18.39 13.66 29.23
C PRO A 458 19.00 14.66 28.25
N GLU A 459 20.20 14.39 27.74
CA GLU A 459 20.85 15.33 26.84
C GLU A 459 20.02 15.53 25.58
N LEU A 460 19.52 14.44 25.04
CA LEU A 460 18.62 14.50 23.89
C LEU A 460 17.37 15.31 24.21
N GLN A 461 16.86 15.16 25.44
CA GLN A 461 15.66 15.86 25.87
C GLN A 461 15.88 17.37 25.94
N LYS A 462 17.05 17.76 26.48
CA LYS A 462 17.43 19.17 26.57
C LYS A 462 17.52 19.78 25.18
N LEU A 463 18.25 19.10 24.30
CA LEU A 463 18.36 19.54 22.91
C LEU A 463 17.00 19.69 22.24
N GLN A 464 16.07 18.79 22.58
CA GLN A 464 14.73 18.80 21.96
C GLN A 464 13.89 19.95 22.47
N GLN A 465 14.06 20.31 23.74
CA GLN A 465 13.50 21.54 24.29
C GLN A 465 14.00 22.78 23.54
N LEU A 466 15.32 22.99 23.54
CA LEU A 466 15.92 24.08 22.77
C LEU A 466 15.29 24.20 21.38
N LYS A 467 15.14 23.06 20.71
CA LYS A 467 14.65 23.02 19.33
C LYS A 467 13.22 23.54 19.22
N ASP A 468 12.40 23.32 20.26
CA ASP A 468 10.98 23.73 20.28
C ASP A 468 10.75 25.22 20.61
N GLU A 469 11.55 26.09 20.00
CA GLU A 469 11.37 27.56 20.13
C GLU A 469 11.46 28.24 18.76
N THR A 470 12.00 27.50 17.78
CA THR A 470 12.43 28.04 16.49
C THR A 470 12.00 27.16 15.31
N GLY A 471 12.10 25.85 15.54
CA GLY A 471 12.04 24.84 14.49
C GLY A 471 13.43 24.29 14.21
N GLU A 472 14.46 25.08 14.52
CA GLU A 472 15.86 24.82 14.11
C GLU A 472 16.89 24.86 15.25
N LEU A 473 18.11 24.41 14.96
CA LEU A 473 19.27 24.41 15.88
C LEU A 473 20.56 24.87 15.19
N SER A 474 21.57 25.28 15.96
CA SER A 474 22.92 25.55 15.42
C SER A 474 23.54 24.25 14.84
N SER A 475 24.56 24.38 13.99
CA SER A 475 25.16 23.22 13.32
C SER A 475 25.82 22.22 14.30
N ALA A 476 26.56 22.74 15.27
CA ALA A 476 27.14 21.92 16.36
C ALA A 476 26.08 21.20 17.22
N ASP A 477 24.89 21.78 17.32
CA ASP A 477 23.81 21.22 18.14
C ASP A 477 22.89 20.33 17.31
N GLU A 478 22.53 20.78 16.10
CA GLU A 478 21.76 19.95 15.16
C GLU A 478 22.52 18.66 14.81
N LYS A 479 23.85 18.72 14.84
CA LYS A 479 24.70 17.54 14.65
C LYS A 479 24.56 16.59 15.84
N ARG A 480 24.81 17.11 17.04
CA ARG A 480 24.64 16.38 18.29
C ARG A 480 23.24 15.76 18.44
N TYR A 481 22.21 16.55 18.12
CA TYR A 481 20.83 16.16 18.25
C TYR A 481 20.48 15.03 17.30
N ARG A 482 21.09 15.03 16.11
CA ARG A 482 20.81 14.00 15.12
C ARG A 482 21.52 12.71 15.51
N ALA A 483 22.75 12.86 16.04
CA ALA A 483 23.50 11.74 16.56
C ALA A 483 22.68 11.03 17.63
N LEU A 484 22.21 11.78 18.64
CA LEU A 484 21.45 11.18 19.74
C LEU A 484 20.10 10.65 19.28
N LYS A 485 19.41 11.39 18.42
CA LYS A 485 18.11 10.97 17.97
C LYS A 485 18.19 9.62 17.26
N ARG A 486 19.29 9.41 16.53
CA ARG A 486 19.54 8.12 15.87
C ARG A 486 19.73 6.95 16.88
N THR A 487 20.47 7.18 17.96
CA THR A 487 20.61 6.20 19.03
C THR A 487 19.23 5.87 19.60
N ALA A 488 18.46 6.91 19.90
CA ALA A 488 17.13 6.72 20.45
C ALA A 488 16.20 5.94 19.53
N GLU A 489 16.34 6.12 18.22
CA GLU A 489 15.48 5.43 17.25
C GLU A 489 15.89 3.96 17.12
N ARG A 490 17.19 3.70 17.12
CA ARG A 490 17.69 2.33 17.10
C ARG A 490 17.19 1.54 18.29
N GLU A 491 17.22 2.15 19.47
CA GLU A 491 16.81 1.45 20.67
C GLU A 491 15.33 1.11 20.69
N LEU A 492 14.47 2.09 20.41
CA LEU A 492 13.06 1.76 20.37
C LEU A 492 12.70 0.83 19.21
N LEU A 493 13.36 0.96 18.06
CA LEU A 493 13.03 0.07 16.93
C LEU A 493 13.54 -1.37 17.08
N MET A 494 14.80 -1.53 17.50
CA MET A 494 15.38 -2.85 17.71
C MET A 494 14.69 -3.67 18.82
N ASN A 495 14.13 -2.97 19.83
CA ASN A 495 13.56 -3.57 21.03
C ASN A 495 12.03 -3.70 21.00
N ALA A 496 11.37 -3.11 19.99
CA ALA A 496 9.94 -3.31 19.75
C ALA A 496 9.56 -4.78 19.47
N ASP A 497 8.36 -5.17 19.89
CA ASP A 497 7.82 -6.48 19.50
C ASP A 497 7.25 -6.37 18.09
N VAL A 498 6.70 -5.17 17.79
CA VAL A 498 6.02 -4.87 16.55
C VAL A 498 6.29 -3.45 16.05
N ILE A 499 6.62 -3.32 14.77
CA ILE A 499 6.73 -2.02 14.12
C ILE A 499 5.58 -1.88 13.14
N CYS A 500 4.75 -0.88 13.35
CA CYS A 500 3.65 -0.61 12.42
C CYS A 500 3.95 0.63 11.63
N CYS A 501 3.75 0.53 10.34
CA CYS A 501 3.91 1.66 9.48
C CYS A 501 3.18 1.38 8.20
N THR A 502 3.13 2.39 7.37
CA THR A 502 2.54 2.32 6.05
C THR A 502 3.38 1.42 5.12
N CYS A 503 2.78 0.89 4.07
CA CYS A 503 3.56 0.16 3.04
C CYS A 503 4.72 1.01 2.53
N VAL A 504 4.39 2.19 2.02
CA VAL A 504 5.41 3.13 1.57
C VAL A 504 6.40 3.52 2.67
N GLY A 505 5.88 3.71 3.87
CA GLY A 505 6.71 3.98 5.04
C GLY A 505 7.74 2.91 5.41
N ALA A 506 7.48 1.66 5.04
CA ALA A 506 8.45 0.59 5.29
C ALA A 506 9.79 0.87 4.59
N GLY A 507 9.78 1.69 3.55
CA GLY A 507 11.01 2.06 2.87
C GLY A 507 11.77 3.23 3.50
N ASP A 508 11.30 3.69 4.65
CA ASP A 508 11.96 4.72 5.46
C ASP A 508 13.42 4.39 5.74
N PRO A 509 14.31 5.38 5.67
CA PRO A 509 15.74 5.06 5.90
C PRO A 509 16.01 4.57 7.32
N ARG A 510 15.14 4.87 8.28
CA ARG A 510 15.34 4.43 9.67
C ARG A 510 15.14 2.92 9.79
N LEU A 511 14.38 2.32 8.85
CA LEU A 511 14.18 0.87 8.80
C LEU A 511 15.15 0.08 7.89
N ALA A 512 15.87 0.78 7.00
CA ALA A 512 16.87 0.12 6.19
C ALA A 512 17.93 -0.33 7.19
N LYS A 513 18.70 -1.34 6.85
CA LYS A 513 19.66 -1.92 7.83
C LYS A 513 18.97 -2.79 8.90
N MET A 514 17.66 -2.92 8.82
CA MET A 514 16.94 -3.86 9.67
C MET A 514 16.35 -4.95 8.78
N GLN A 515 16.12 -6.13 9.35
CA GLN A 515 15.51 -7.26 8.63
C GLN A 515 14.23 -7.67 9.34
N PHE A 516 13.27 -8.19 8.59
CA PHE A 516 11.99 -8.60 9.15
C PHE A 516 11.60 -9.90 8.50
N ARG A 517 11.70 -10.98 9.26
CA ARG A 517 11.38 -12.30 8.74
C ARG A 517 9.86 -12.54 8.67
N SER A 518 9.10 -11.89 9.55
CA SER A 518 7.66 -12.01 9.56
C SER A 518 7.02 -10.70 9.21
N ILE A 519 6.12 -10.72 8.24
CA ILE A 519 5.54 -9.49 7.77
C ILE A 519 4.08 -9.73 7.53
N LEU A 520 3.24 -8.89 8.12
CA LEU A 520 1.81 -8.96 7.86
C LEU A 520 1.34 -7.67 7.22
N ILE A 521 0.74 -7.78 6.05
CA ILE A 521 0.20 -6.62 5.38
C ILE A 521 -1.33 -6.70 5.28
N ASP A 522 -2.02 -5.82 6.01
CA ASP A 522 -3.49 -5.80 5.97
C ASP A 522 -3.92 -4.70 5.01
N GLU A 523 -5.18 -4.74 4.56
CA GLU A 523 -5.68 -3.87 3.48
C GLU A 523 -4.74 -3.92 2.29
N SER A 524 -4.07 -5.05 2.13
CA SER A 524 -3.13 -5.25 1.03
C SER A 524 -3.84 -5.15 -0.29
N THR A 525 -5.15 -5.44 -0.28
CA THR A 525 -5.99 -5.26 -1.47
C THR A 525 -6.09 -3.77 -1.89
N GLN A 526 -5.69 -2.84 -1.02
CA GLN A 526 -5.65 -1.41 -1.40
C GLN A 526 -4.33 -0.90 -2.01
N ALA A 527 -3.30 -1.75 -2.05
CA ALA A 527 -1.97 -1.33 -2.52
C ALA A 527 -1.76 -1.84 -3.94
N THR A 528 -0.98 -1.10 -4.74
CA THR A 528 -0.47 -1.56 -6.03
C THR A 528 0.66 -2.56 -5.69
N GLU A 529 1.06 -3.38 -6.66
CA GLU A 529 2.09 -4.38 -6.36
C GLU A 529 3.36 -3.72 -5.84
N PRO A 530 3.90 -2.71 -6.56
CA PRO A 530 5.12 -2.03 -6.12
C PRO A 530 5.03 -1.47 -4.70
N GLU A 531 3.85 -0.97 -4.33
CA GLU A 531 3.60 -0.43 -2.98
C GLU A 531 3.75 -1.53 -1.94
N CYS A 532 3.07 -2.64 -2.19
CA CYS A 532 3.07 -3.81 -1.35
C CYS A 532 4.46 -4.43 -1.16
N MET A 533 5.27 -4.40 -2.21
CA MET A 533 6.60 -4.99 -2.21
C MET A 533 7.61 -4.22 -1.38
N VAL A 534 7.28 -2.96 -1.02
CA VAL A 534 8.24 -2.11 -0.35
C VAL A 534 8.62 -2.75 0.99
N PRO A 535 7.61 -3.14 1.80
CA PRO A 535 7.96 -3.85 3.03
C PRO A 535 8.44 -5.28 2.73
N VAL A 536 7.95 -5.88 1.66
CA VAL A 536 8.30 -7.29 1.40
C VAL A 536 9.81 -7.52 1.29
N VAL A 537 10.52 -6.58 0.69
CA VAL A 537 11.93 -6.79 0.37
C VAL A 537 12.86 -6.63 1.57
N LEU A 538 12.27 -6.40 2.74
CA LEU A 538 13.07 -6.22 3.93
C LEU A 538 13.39 -7.53 4.62
N GLY A 539 13.46 -8.61 3.84
CA GLY A 539 13.90 -9.91 4.34
C GLY A 539 12.83 -10.94 4.65
N ALA A 540 11.69 -10.86 3.97
CA ALA A 540 10.56 -11.70 4.27
C ALA A 540 10.89 -13.18 4.23
N LYS A 541 10.59 -13.89 5.31
CA LYS A 541 10.59 -15.35 5.24
C LYS A 541 9.20 -15.91 5.45
N GLN A 542 8.36 -15.16 6.18
CA GLN A 542 6.95 -15.50 6.34
C GLN A 542 6.11 -14.24 6.05
N LEU A 543 5.18 -14.34 5.10
CA LEU A 543 4.40 -13.20 4.65
C LEU A 543 2.89 -13.50 4.60
N ILE A 544 2.10 -12.70 5.31
CA ILE A 544 0.65 -12.86 5.32
C ILE A 544 -0.01 -11.61 4.70
N LEU A 545 -0.78 -11.79 3.63
CA LEU A 545 -1.53 -10.71 3.03
C LEU A 545 -2.99 -10.84 3.37
N VAL A 546 -3.53 -9.84 4.04
CA VAL A 546 -4.90 -9.82 4.50
C VAL A 546 -5.57 -8.66 3.78
N GLY A 547 -6.84 -8.85 3.44
CA GLY A 547 -7.63 -7.80 2.85
C GLY A 547 -8.90 -8.39 2.27
N ASP A 548 -9.44 -7.71 1.28
CA ASP A 548 -10.67 -8.17 0.68
C ASP A 548 -10.78 -7.52 -0.68
N HIS A 549 -10.73 -8.33 -1.72
CA HIS A 549 -10.70 -7.80 -3.08
C HIS A 549 -12.09 -7.40 -3.54
N CYS A 550 -13.10 -7.55 -2.68
CA CYS A 550 -14.41 -7.01 -3.02
C CYS A 550 -14.60 -5.67 -2.37
N GLN A 551 -13.51 -5.14 -1.79
CA GLN A 551 -13.57 -3.84 -1.15
C GLN A 551 -12.60 -2.88 -1.80
N LEU A 552 -12.09 -1.90 -1.05
CA LEU A 552 -11.31 -0.81 -1.65
C LEU A 552 -10.09 -1.35 -2.41
N GLY A 553 -9.94 -0.93 -3.67
CA GLY A 553 -8.73 -1.20 -4.45
C GLY A 553 -7.77 -0.01 -4.49
N PRO A 554 -6.63 -0.18 -5.20
CA PRO A 554 -5.66 0.92 -5.31
C PRO A 554 -6.19 2.02 -6.21
N VAL A 555 -5.79 3.26 -5.94
CA VAL A 555 -6.14 4.36 -6.80
C VAL A 555 -4.96 4.62 -7.70
N VAL A 556 -5.20 4.59 -9.00
CA VAL A 556 -4.16 4.95 -9.94
C VAL A 556 -4.69 6.07 -10.83
N MET A 557 -3.98 7.19 -10.80
CA MET A 557 -4.43 8.42 -11.46
C MET A 557 -4.13 8.41 -12.93
N CYS A 558 -2.95 7.92 -13.30
CA CYS A 558 -2.55 7.82 -14.70
C CYS A 558 -3.33 6.73 -15.45
N LYS A 559 -4.22 7.14 -16.34
CA LYS A 559 -5.07 6.21 -17.11
C LYS A 559 -4.30 5.12 -17.90
N LYS A 560 -3.18 5.49 -18.54
CA LYS A 560 -2.32 4.52 -19.23
C LYS A 560 -1.82 3.42 -18.30
N ALA A 561 -1.16 3.82 -17.21
CA ALA A 561 -0.77 2.91 -16.12
C ALA A 561 -1.93 2.02 -15.63
N ALA A 562 -3.11 2.59 -15.52
CA ALA A 562 -4.26 1.86 -15.02
C ALA A 562 -4.62 0.73 -15.97
N LYS A 563 -4.71 1.05 -17.25
CA LYS A 563 -5.07 0.09 -18.26
C LYS A 563 -4.01 -0.98 -18.50
N ALA A 564 -2.76 -0.68 -18.19
CA ALA A 564 -1.70 -1.67 -18.25
C ALA A 564 -1.68 -2.62 -17.04
N GLY A 565 -2.55 -2.40 -16.05
CA GLY A 565 -2.62 -3.29 -14.89
C GLY A 565 -2.27 -2.80 -13.48
N LEU A 566 -1.72 -1.58 -13.36
CA LEU A 566 -1.25 -1.08 -12.06
C LEU A 566 -2.30 -1.09 -10.96
N SER A 567 -3.57 -1.08 -11.33
CA SER A 567 -4.61 -1.02 -10.32
C SER A 567 -5.04 -2.39 -9.83
N GLN A 568 -4.29 -3.42 -10.18
CA GLN A 568 -4.50 -4.75 -9.65
C GLN A 568 -3.54 -4.99 -8.47
N SER A 569 -4.08 -5.11 -7.27
CA SER A 569 -3.23 -5.37 -6.11
C SER A 569 -2.49 -6.70 -6.21
N LEU A 570 -1.40 -6.84 -5.47
CA LEU A 570 -0.67 -8.11 -5.37
C LEU A 570 -1.59 -9.28 -4.98
N PHE A 571 -2.42 -9.05 -3.96
CA PHE A 571 -3.42 -10.00 -3.44
C PHE A 571 -4.35 -10.49 -4.56
N GLU A 572 -4.92 -9.56 -5.32
CA GLU A 572 -5.74 -9.92 -6.46
C GLU A 572 -5.01 -10.79 -7.48
N ARG A 573 -3.79 -10.41 -7.84
CA ARG A 573 -3.08 -11.22 -8.82
C ARG A 573 -2.87 -12.65 -8.29
N LEU A 574 -2.51 -12.79 -7.01
CA LEU A 574 -2.28 -14.14 -6.46
C LEU A 574 -3.57 -14.95 -6.47
N VAL A 575 -4.71 -14.27 -6.25
CA VAL A 575 -6.01 -14.90 -6.36
C VAL A 575 -6.22 -15.41 -7.78
N VAL A 576 -6.18 -14.53 -8.78
CA VAL A 576 -6.36 -14.95 -10.20
C VAL A 576 -5.38 -16.04 -10.59
N LEU A 577 -4.23 -16.06 -9.95
CA LEU A 577 -3.22 -17.09 -10.14
C LEU A 577 -3.61 -18.44 -9.52
N GLY A 578 -4.70 -18.49 -8.75
CA GLY A 578 -5.16 -19.73 -8.14
C GLY A 578 -4.77 -20.01 -6.70
N ILE A 579 -4.23 -19.01 -6.00
CA ILE A 579 -4.01 -19.10 -4.54
C ILE A 579 -5.32 -18.76 -3.78
N ARG A 580 -5.81 -19.71 -2.99
CA ARG A 580 -7.09 -19.57 -2.29
C ARG A 580 -6.93 -18.86 -0.95
N PRO A 581 -7.54 -17.68 -0.81
CA PRO A 581 -7.47 -16.97 0.46
C PRO A 581 -8.29 -17.70 1.50
N ILE A 582 -7.76 -17.84 2.69
CA ILE A 582 -8.59 -18.32 3.78
C ILE A 582 -9.65 -17.23 4.04
N ARG A 583 -10.93 -17.60 4.00
CA ARG A 583 -12.05 -16.61 4.19
C ARG A 583 -12.58 -16.57 5.63
N LEU A 584 -12.67 -15.38 6.20
CA LEU A 584 -13.35 -15.23 7.49
C LEU A 584 -14.86 -15.22 7.24
N GLN A 585 -15.58 -16.01 8.01
CA GLN A 585 -16.82 -16.57 7.59
C GLN A 585 -18.06 -15.98 8.29
N VAL A 586 -17.87 -15.43 9.49
CA VAL A 586 -19.00 -15.01 10.30
C VAL A 586 -19.00 -13.49 10.46
N GLN A 587 -20.12 -12.85 10.14
CA GLN A 587 -20.20 -11.42 10.32
C GLN A 587 -20.99 -11.05 11.58
N TYR A 588 -20.42 -10.18 12.39
CA TYR A 588 -21.00 -9.80 13.68
C TYR A 588 -21.49 -8.34 13.67
N ARG A 589 -21.48 -7.70 12.51
CA ARG A 589 -21.87 -6.29 12.45
C ARG A 589 -23.37 -6.11 12.23
N MET A 590 -23.88 -6.72 11.16
CA MET A 590 -25.13 -6.32 10.54
C MET A 590 -26.34 -7.12 10.93
N HIS A 591 -27.47 -6.41 11.09
CA HIS A 591 -28.81 -7.01 11.01
C HIS A 591 -28.82 -7.86 9.74
N PRO A 592 -29.39 -9.08 9.82
CA PRO A 592 -29.43 -9.97 8.65
C PRO A 592 -29.98 -9.35 7.38
N ALA A 593 -30.96 -8.47 7.49
CA ALA A 593 -31.50 -7.85 6.29
C ALA A 593 -30.45 -6.98 5.61
N LEU A 594 -29.50 -6.43 6.36
CA LEU A 594 -28.52 -5.53 5.76
C LEU A 594 -27.39 -6.28 5.09
N SER A 595 -27.06 -7.46 5.59
CA SER A 595 -25.96 -8.21 4.99
C SER A 595 -26.37 -9.04 3.79
N ALA A 596 -27.67 -9.30 3.63
CA ALA A 596 -28.15 -10.18 2.56
C ALA A 596 -27.59 -9.81 1.18
N PHE A 597 -27.82 -8.58 0.74
CA PHE A 597 -27.46 -8.16 -0.63
C PHE A 597 -25.93 -8.17 -0.86
N PRO A 598 -25.14 -7.49 0.02
CA PRO A 598 -23.67 -7.68 -0.22
C PRO A 598 -23.21 -9.14 -0.14
N SER A 599 -23.78 -9.94 0.75
CA SER A 599 -23.36 -11.33 0.83
C SER A 599 -23.69 -12.06 -0.47
N ASN A 600 -24.93 -11.93 -0.94
CA ASN A 600 -25.33 -12.52 -2.21
C ASN A 600 -24.50 -12.04 -3.41
N ILE A 601 -24.17 -10.74 -3.44
CA ILE A 601 -23.47 -10.19 -4.58
C ILE A 601 -21.98 -10.46 -4.56
N PHE A 602 -21.34 -10.28 -3.41
CA PHE A 602 -19.89 -10.29 -3.41
C PHE A 602 -19.29 -11.53 -2.82
N TYR A 603 -20.06 -12.26 -2.01
CA TYR A 603 -19.43 -13.33 -1.21
C TYR A 603 -20.14 -14.65 -1.45
N GLU A 604 -20.71 -14.72 -2.64
CA GLU A 604 -21.59 -15.78 -3.12
C GLU A 604 -22.56 -16.35 -2.11
N GLY A 605 -23.16 -15.46 -1.34
CA GLY A 605 -24.12 -15.82 -0.31
C GLY A 605 -23.52 -16.67 0.80
N SER A 606 -22.21 -16.59 1.01
CA SER A 606 -21.54 -17.50 1.95
C SER A 606 -21.44 -16.92 3.36
N LEU A 607 -21.49 -15.60 3.47
CA LEU A 607 -21.40 -14.95 4.77
C LEU A 607 -22.42 -15.48 5.78
N GLN A 608 -21.94 -15.91 6.92
CA GLN A 608 -22.81 -16.35 7.99
C GLN A 608 -23.15 -15.20 8.97
N ASN A 609 -24.37 -15.17 9.49
CA ASN A 609 -24.76 -14.11 10.44
C ASN A 609 -24.48 -14.50 11.88
N GLY A 610 -23.58 -13.78 12.54
CA GLY A 610 -23.26 -14.06 13.93
C GLY A 610 -24.15 -13.34 14.93
N VAL A 611 -25.05 -12.52 14.43
CA VAL A 611 -26.01 -11.84 15.27
C VAL A 611 -27.36 -12.08 14.63
N THR A 612 -28.40 -12.16 15.47
CA THR A 612 -29.79 -12.29 14.99
C THR A 612 -30.47 -10.95 14.60
N ALA A 613 -31.70 -11.04 14.10
CA ALA A 613 -32.57 -9.87 13.94
C ALA A 613 -32.77 -9.20 15.32
N ALA A 614 -33.19 -9.98 16.32
CA ALA A 614 -33.29 -9.50 17.71
C ALA A 614 -32.05 -8.79 18.25
N ASP A 615 -30.84 -9.31 18.01
CA ASP A 615 -29.63 -8.59 18.48
C ASP A 615 -29.49 -7.21 17.84
N ARG A 616 -30.26 -6.97 16.79
CA ARG A 616 -30.02 -5.82 15.93
C ARG A 616 -31.27 -4.98 15.75
N VAL A 617 -32.04 -4.92 16.83
CA VAL A 617 -33.14 -4.00 16.97
C VAL A 617 -32.72 -3.16 18.18
N LYS A 618 -32.57 -1.86 17.94
CA LYS A 618 -32.18 -0.92 18.97
C LYS A 618 -33.35 -0.86 19.95
N LYS A 619 -33.02 -1.02 21.23
CA LYS A 619 -33.98 -0.97 22.31
C LYS A 619 -34.50 0.45 22.42
N GLY A 620 -35.83 0.54 22.57
CA GLY A 620 -36.54 1.80 22.77
C GLY A 620 -36.24 2.83 21.72
N PHE A 621 -35.90 2.39 20.52
CA PHE A 621 -35.59 3.27 19.39
C PHE A 621 -36.85 3.41 18.58
N ASP A 622 -37.66 4.41 18.87
CA ASP A 622 -38.95 4.46 18.22
C ASP A 622 -38.91 5.26 16.90
N PHE A 623 -38.53 4.53 15.86
CA PHE A 623 -38.40 5.01 14.48
C PHE A 623 -39.19 4.00 13.67
N GLN A 624 -40.04 4.49 12.77
CA GLN A 624 -40.87 3.57 12.00
C GLN A 624 -40.29 3.32 10.62
N TRP A 625 -39.72 2.12 10.46
CA TRP A 625 -39.28 1.63 9.16
C TRP A 625 -40.47 1.30 8.24
N PRO A 626 -40.35 1.61 6.92
CA PRO A 626 -41.47 1.32 6.01
C PRO A 626 -41.89 -0.14 6.19
N GLN A 627 -40.92 -1.05 6.16
CA GLN A 627 -41.14 -2.45 6.49
C GLN A 627 -40.50 -2.72 7.85
N PRO A 628 -41.33 -2.81 8.90
CA PRO A 628 -40.84 -2.69 10.28
C PRO A 628 -39.72 -3.66 10.63
N ASP A 629 -39.69 -4.81 9.95
CA ASP A 629 -38.72 -5.85 10.23
C ASP A 629 -37.53 -5.85 9.30
N LYS A 630 -37.53 -4.88 8.36
CA LYS A 630 -36.33 -4.67 7.51
C LYS A 630 -35.79 -3.23 7.72
N PRO A 631 -34.76 -3.10 8.56
CA PRO A 631 -34.23 -1.75 8.86
C PRO A 631 -33.39 -1.15 7.70
N MET A 632 -34.01 -0.99 6.54
CA MET A 632 -33.40 -0.33 5.43
C MET A 632 -34.48 0.23 4.50
N PHE A 633 -34.15 1.30 3.80
CA PHE A 633 -34.91 1.69 2.62
C PHE A 633 -34.14 2.58 1.69
N PHE A 634 -34.62 2.59 0.45
CA PHE A 634 -34.20 3.55 -0.55
C PHE A 634 -35.27 4.61 -0.68
N TYR A 635 -34.87 5.85 -0.37
CA TYR A 635 -35.74 6.99 -0.35
C TYR A 635 -35.58 7.77 -1.64
N VAL A 636 -36.57 7.63 -2.51
CA VAL A 636 -36.58 8.27 -3.83
C VAL A 636 -36.74 9.77 -3.74
N THR A 637 -35.77 10.50 -4.32
CA THR A 637 -35.89 11.93 -4.62
C THR A 637 -35.34 12.18 -6.02
N GLN A 638 -35.98 13.11 -6.71
CA GLN A 638 -35.70 13.33 -8.13
C GLN A 638 -35.57 14.83 -8.47
N GLY A 639 -35.10 15.61 -7.48
CA GLY A 639 -34.64 16.99 -7.66
C GLY A 639 -33.30 17.14 -8.39
N GLN A 640 -33.00 18.33 -8.88
CA GLN A 640 -31.86 18.54 -9.77
C GLN A 640 -30.53 18.60 -9.04
N GLU A 641 -29.51 18.00 -9.66
CA GLU A 641 -28.13 18.18 -9.25
C GLU A 641 -27.63 19.52 -9.79
N GLU A 642 -26.70 20.16 -9.07
CA GLU A 642 -25.97 21.33 -9.58
C GLU A 642 -24.48 21.26 -9.23
N ILE A 643 -23.69 22.04 -9.97
CA ILE A 643 -22.26 22.21 -9.74
C ILE A 643 -22.08 23.27 -8.67
N ALA A 644 -21.05 23.11 -7.83
CA ALA A 644 -20.74 24.08 -6.74
C ALA A 644 -20.45 25.50 -7.24
N SER A 645 -20.91 26.50 -6.49
CA SER A 645 -20.73 27.91 -6.89
C SER A 645 -19.24 28.27 -6.91
N SER A 646 -18.48 27.61 -6.05
CA SER A 646 -17.04 27.73 -6.05
C SER A 646 -16.45 26.33 -6.16
N GLY A 647 -16.08 25.95 -7.39
CA GLY A 647 -15.46 24.66 -7.65
C GLY A 647 -16.05 23.92 -8.83
N THR A 648 -15.89 22.60 -8.80
CA THR A 648 -16.32 21.71 -9.89
C THR A 648 -16.98 20.42 -9.39
N SER A 649 -17.31 20.34 -8.11
CA SER A 649 -17.94 19.15 -7.58
C SER A 649 -19.45 19.33 -7.70
N TYR A 650 -20.20 18.27 -7.44
CA TYR A 650 -21.66 18.34 -7.49
C TYR A 650 -22.32 18.46 -6.11
N LEU A 651 -23.51 19.05 -6.07
CA LEU A 651 -24.40 18.94 -4.91
C LEU A 651 -25.87 18.77 -5.34
N ASN A 652 -26.69 18.34 -4.41
CA ASN A 652 -28.13 18.21 -4.60
C ASN A 652 -28.88 18.74 -3.34
N ARG A 653 -29.42 19.95 -3.48
CA ARG A 653 -30.16 20.64 -2.43
C ARG A 653 -31.44 19.93 -1.99
N THR A 654 -32.28 19.53 -2.95
CA THR A 654 -33.44 18.71 -2.63
C THR A 654 -32.96 17.57 -1.71
N GLU A 655 -31.95 16.85 -2.19
CA GLU A 655 -31.50 15.63 -1.57
C GLU A 655 -30.94 15.88 -0.17
N ALA A 656 -30.17 16.96 -0.01
CA ALA A 656 -29.61 17.33 1.29
C ALA A 656 -30.68 17.64 2.34
N ALA A 657 -31.73 18.34 1.95
CA ALA A 657 -32.83 18.63 2.85
C ALA A 657 -33.38 17.31 3.39
N ASN A 658 -33.57 16.36 2.48
CA ASN A 658 -34.06 15.09 2.90
C ASN A 658 -33.08 14.40 3.84
N VAL A 659 -31.78 14.45 3.53
CA VAL A 659 -30.77 13.83 4.40
C VAL A 659 -30.85 14.39 5.84
N GLU A 660 -30.98 15.72 5.99
CA GLU A 660 -31.21 16.31 7.32
C GLU A 660 -32.44 15.81 8.03
N LYS A 661 -33.56 15.75 7.32
CA LYS A 661 -34.82 15.28 7.92
C LYS A 661 -34.68 13.90 8.52
N ILE A 662 -34.01 13.01 7.79
CA ILE A 662 -33.75 11.66 8.22
C ILE A 662 -32.82 11.68 9.43
N THR A 663 -31.76 12.49 9.33
CA THR A 663 -30.79 12.58 10.40
C THR A 663 -31.52 13.02 11.69
N THR A 664 -32.36 14.04 11.56
CA THR A 664 -33.15 14.56 12.66
C THR A 664 -34.12 13.52 13.22
N LYS A 665 -34.77 12.74 12.34
CA LYS A 665 -35.64 11.68 12.84
C LYS A 665 -34.86 10.66 13.64
N LEU A 666 -33.73 10.21 13.12
CA LEU A 666 -32.93 9.21 13.80
C LEU A 666 -32.51 9.67 15.21
N LEU A 667 -31.97 10.90 15.31
CA LEU A 667 -31.56 11.51 16.58
C LEU A 667 -32.76 11.69 17.52
N LYS A 668 -33.89 12.19 17.01
CA LYS A 668 -35.11 12.30 17.81
C LYS A 668 -35.63 10.94 18.29
N ALA A 669 -35.35 9.88 17.54
CA ALA A 669 -35.87 8.56 17.91
C ALA A 669 -34.98 7.89 18.94
N GLY A 670 -33.83 8.48 19.23
CA GLY A 670 -32.94 7.91 20.22
C GLY A 670 -31.49 7.71 19.84
N ALA A 671 -31.14 7.82 18.56
CA ALA A 671 -29.73 7.63 18.17
C ALA A 671 -28.85 8.78 18.62
N LYS A 672 -27.57 8.50 18.79
CA LYS A 672 -26.61 9.49 19.19
C LYS A 672 -25.79 9.82 17.96
N PRO A 673 -25.39 11.08 17.85
CA PRO A 673 -24.69 11.60 16.69
C PRO A 673 -23.50 10.76 16.20
N ASP A 674 -22.67 10.21 17.10
CA ASP A 674 -21.54 9.36 16.69
C ASP A 674 -21.96 7.96 16.21
N GLN A 675 -23.23 7.63 16.39
CA GLN A 675 -23.75 6.36 15.93
C GLN A 675 -24.31 6.51 14.52
N ILE A 676 -24.27 7.73 13.97
CA ILE A 676 -24.77 7.98 12.62
C ILE A 676 -23.64 8.45 11.72
N GLY A 677 -23.60 7.90 10.51
CA GLY A 677 -22.69 8.39 9.48
C GLY A 677 -23.40 8.72 8.19
N ILE A 678 -22.95 9.77 7.50
CA ILE A 678 -23.44 10.05 6.16
C ILE A 678 -22.35 9.88 5.08
N ILE A 679 -22.63 9.04 4.07
CA ILE A 679 -21.67 8.80 3.00
C ILE A 679 -22.16 9.38 1.69
N THR A 680 -21.33 10.24 1.11
CA THR A 680 -21.62 10.83 -0.18
C THR A 680 -20.31 10.92 -0.97
N PRO A 681 -20.34 10.74 -2.32
CA PRO A 681 -19.08 10.79 -3.08
C PRO A 681 -18.53 12.19 -3.36
N TYR A 682 -19.34 13.22 -3.19
CA TYR A 682 -18.95 14.55 -3.62
C TYR A 682 -18.59 15.52 -2.48
N GLU A 683 -17.49 16.21 -2.65
CA GLU A 683 -17.12 17.31 -1.77
C GLU A 683 -18.22 18.39 -1.76
N GLY A 684 -18.83 18.64 -2.91
CA GLY A 684 -19.93 19.59 -3.01
C GLY A 684 -21.02 19.26 -2.02
N GLN A 685 -21.42 17.99 -1.99
CA GLN A 685 -22.53 17.56 -1.15
C GLN A 685 -22.11 17.53 0.31
N ARG A 686 -20.94 16.94 0.59
CA ARG A 686 -20.38 16.98 1.95
C ARG A 686 -20.42 18.38 2.52
N SER A 687 -19.80 19.32 1.81
CA SER A 687 -19.75 20.70 2.29
C SER A 687 -21.13 21.32 2.42
N TYR A 688 -22.01 21.06 1.46
CA TYR A 688 -23.35 21.61 1.54
C TYR A 688 -24.12 21.03 2.72
N LEU A 689 -24.01 19.72 2.92
CA LEU A 689 -24.69 19.04 4.03
C LEU A 689 -24.36 19.58 5.40
N VAL A 690 -23.07 19.84 5.66
CA VAL A 690 -22.63 20.40 6.95
C VAL A 690 -23.24 21.78 7.16
N GLN A 691 -23.15 22.61 6.13
CA GLN A 691 -23.69 23.95 6.23
C GLN A 691 -25.20 23.90 6.42
N TYR A 692 -25.87 23.07 5.63
CA TYR A 692 -27.30 23.02 5.69
C TYR A 692 -27.81 22.59 7.06
N MET A 693 -27.15 21.61 7.68
CA MET A 693 -27.63 21.08 8.95
C MET A 693 -27.43 22.04 10.12
N GLN A 694 -26.28 22.69 10.12
CA GLN A 694 -26.00 23.80 11.00
C GLN A 694 -26.98 24.94 10.80
N PHE A 695 -27.45 25.13 9.59
CA PHE A 695 -28.30 26.29 9.39
C PHE A 695 -29.78 25.96 9.62
N SER A 696 -30.23 24.84 9.10
CA SER A 696 -31.65 24.58 9.07
C SER A 696 -32.11 23.43 9.96
N GLY A 697 -31.17 22.73 10.59
CA GLY A 697 -31.48 21.62 11.51
C GLY A 697 -32.16 22.13 12.76
N SER A 698 -33.27 21.51 13.16
CA SER A 698 -34.06 21.98 14.31
C SER A 698 -33.39 21.68 15.65
N LEU A 699 -32.61 20.61 15.69
CA LEU A 699 -31.85 20.20 16.86
C LEU A 699 -30.62 21.06 17.09
N HIS A 700 -30.03 20.90 18.27
CA HIS A 700 -28.85 21.68 18.70
C HIS A 700 -27.76 21.44 17.69
N THR A 701 -27.14 22.53 17.32
CA THR A 701 -26.20 22.60 16.22
C THR A 701 -25.05 21.58 16.36
N LYS A 702 -24.58 21.37 17.59
CA LYS A 702 -23.44 20.51 17.85
C LYS A 702 -23.73 19.05 17.60
N LEU A 703 -24.96 18.64 17.86
CA LEU A 703 -25.33 17.27 17.57
C LEU A 703 -25.03 16.89 16.10
N TYR A 704 -25.31 17.80 15.17
CA TYR A 704 -25.09 17.57 13.75
C TYR A 704 -23.60 17.56 13.48
N GLN A 705 -22.86 18.41 14.19
CA GLN A 705 -21.40 18.43 14.04
C GLN A 705 -20.79 17.09 14.31
N GLU A 706 -21.42 16.29 15.15
CA GLU A 706 -20.87 15.00 15.51
C GLU A 706 -21.38 13.88 14.61
N VAL A 707 -22.16 14.24 13.61
CA VAL A 707 -22.58 13.25 12.64
C VAL A 707 -21.58 13.31 11.50
N GLU A 708 -20.76 12.29 11.38
CA GLU A 708 -19.69 12.26 10.37
C GLU A 708 -20.20 12.25 8.92
N ILE A 709 -19.83 13.24 8.13
CA ILE A 709 -20.16 13.25 6.71
C ILE A 709 -18.89 13.19 5.85
N ALA A 710 -18.79 12.17 5.00
CA ALA A 710 -17.58 11.95 4.24
C ALA A 710 -17.82 10.94 3.11
N SER A 711 -16.82 10.81 2.23
CA SER A 711 -16.86 9.84 1.16
C SER A 711 -16.43 8.47 1.71
N VAL A 712 -16.49 7.44 0.90
CA VAL A 712 -16.45 6.11 1.45
C VAL A 712 -15.10 5.73 2.10
N ASP A 713 -14.00 6.33 1.64
CA ASP A 713 -12.67 6.06 2.16
C ASP A 713 -12.58 6.21 3.67
N ALA A 714 -13.36 7.15 4.22
CA ALA A 714 -13.14 7.57 5.59
C ALA A 714 -13.81 6.63 6.55
N PHE A 715 -14.57 5.68 6.01
CA PHE A 715 -15.29 4.72 6.82
C PHE A 715 -14.73 3.30 6.77
N GLN A 716 -13.67 3.13 5.98
CA GLN A 716 -13.01 1.84 5.82
C GLN A 716 -12.57 1.30 7.18
N GLY A 717 -12.92 0.06 7.46
CA GLY A 717 -12.61 -0.56 8.74
C GLY A 717 -13.41 -0.01 9.91
N ARG A 718 -14.39 0.85 9.63
CA ARG A 718 -15.12 1.51 10.70
C ARG A 718 -16.62 1.18 10.63
N GLU A 719 -17.36 1.45 11.69
CA GLU A 719 -18.78 1.16 11.68
C GLU A 719 -19.65 2.17 12.42
N LYS A 720 -20.96 2.12 12.15
CA LYS A 720 -21.93 2.99 12.80
C LYS A 720 -23.19 2.18 13.05
N ASP A 721 -24.08 2.71 13.88
CA ASP A 721 -25.37 2.10 14.02
C ASP A 721 -26.21 2.35 12.77
N PHE A 722 -26.14 3.58 12.25
CA PHE A 722 -26.96 3.95 11.12
C PHE A 722 -26.15 4.67 10.06
N ILE A 723 -26.43 4.36 8.79
CA ILE A 723 -25.74 4.97 7.67
C ILE A 723 -26.80 5.48 6.70
N ILE A 724 -26.64 6.76 6.31
CA ILE A 724 -27.36 7.35 5.20
C ILE A 724 -26.39 7.53 4.02
N LEU A 725 -26.79 7.08 2.84
CA LEU A 725 -26.08 7.42 1.60
C LEU A 725 -26.82 8.53 0.88
N SER A 726 -26.06 9.52 0.41
CA SER A 726 -26.61 10.57 -0.40
C SER A 726 -25.97 10.45 -1.81
N CYS A 727 -26.75 9.99 -2.78
CA CYS A 727 -26.24 9.66 -4.14
C CYS A 727 -25.97 10.84 -5.04
N VAL A 728 -26.65 11.96 -4.74
CA VAL A 728 -26.44 13.26 -5.38
C VAL A 728 -26.91 13.40 -6.83
N ARG A 729 -26.41 12.55 -7.71
CA ARG A 729 -26.67 12.75 -9.13
C ARG A 729 -28.11 12.44 -9.53
N ALA A 730 -28.68 13.28 -10.40
CA ALA A 730 -30.01 13.01 -10.95
C ALA A 730 -29.96 12.81 -12.45
N ASN A 731 -28.80 13.07 -13.05
CA ASN A 731 -28.66 12.86 -14.47
C ASN A 731 -27.71 11.70 -14.74
N GLU A 732 -27.91 11.03 -15.86
CA GLU A 732 -27.02 9.92 -16.25
C GLU A 732 -25.60 10.47 -16.21
N HIS A 733 -24.66 9.65 -15.78
CA HIS A 733 -23.35 10.16 -15.42
C HIS A 733 -22.38 9.03 -15.34
N GLN A 734 -21.11 9.36 -15.35
CA GLN A 734 -20.11 8.36 -15.03
C GLN A 734 -20.07 8.16 -13.52
N GLY A 735 -20.07 9.26 -12.76
CA GLY A 735 -19.98 9.19 -11.31
C GLY A 735 -18.57 8.90 -10.76
N ILE A 736 -18.44 9.01 -9.44
CA ILE A 736 -17.18 8.69 -8.73
C ILE A 736 -17.59 7.97 -7.48
N GLY A 737 -16.58 7.48 -6.75
CA GLY A 737 -16.79 6.66 -5.58
C GLY A 737 -17.83 5.58 -5.77
N PHE A 738 -18.73 5.46 -4.81
CA PHE A 738 -19.70 4.37 -4.80
C PHE A 738 -20.67 4.40 -5.98
N LEU A 739 -20.70 5.52 -6.72
CA LEU A 739 -21.53 5.63 -7.92
C LEU A 739 -21.02 4.81 -9.10
N ASN A 740 -19.72 4.74 -9.32
CA ASN A 740 -19.31 3.77 -10.33
C ASN A 740 -18.20 2.78 -9.94
N ASP A 741 -18.07 2.48 -8.65
CA ASP A 741 -17.24 1.36 -8.27
C ASP A 741 -17.98 0.41 -7.33
N PRO A 742 -18.43 -0.72 -7.88
CA PRO A 742 -19.17 -1.72 -7.10
C PRO A 742 -18.51 -2.00 -5.75
N ARG A 743 -17.18 -1.98 -5.73
CA ARG A 743 -16.43 -2.27 -4.51
C ARG A 743 -16.63 -1.19 -3.45
N ARG A 744 -16.72 0.05 -3.88
CA ARG A 744 -16.97 1.14 -2.95
C ARG A 744 -18.41 1.15 -2.47
N LEU A 745 -19.33 0.76 -3.35
CA LEU A 745 -20.69 0.51 -2.97
C LEU A 745 -20.77 -0.59 -1.90
N ASN A 746 -20.05 -1.68 -2.12
CA ASN A 746 -19.96 -2.74 -1.09
C ASN A 746 -19.51 -2.14 0.25
N VAL A 747 -18.49 -1.28 0.27
CA VAL A 747 -18.10 -0.69 1.55
C VAL A 747 -19.22 0.19 2.12
N ALA A 748 -19.88 0.96 1.26
CA ALA A 748 -20.99 1.80 1.69
C ALA A 748 -22.14 1.03 2.33
N LEU A 749 -22.44 -0.16 1.80
CA LEU A 749 -23.58 -0.91 2.29
C LEU A 749 -23.30 -1.70 3.56
N THR A 750 -22.04 -1.78 3.96
CA THR A 750 -21.67 -2.61 5.10
C THR A 750 -21.03 -1.91 6.32
N ARG A 751 -21.30 -0.63 6.51
CA ARG A 751 -20.72 0.11 7.65
C ARG A 751 -21.73 0.11 8.80
N ALA A 752 -22.99 -0.18 8.50
CA ALA A 752 -24.06 0.00 9.50
C ALA A 752 -24.40 -1.28 10.21
N ARG A 753 -24.65 -1.16 11.51
CA ARG A 753 -25.16 -2.27 12.32
C ARG A 753 -26.67 -2.38 12.32
N TYR A 754 -27.38 -1.25 12.34
CA TYR A 754 -28.81 -1.30 12.59
C TYR A 754 -29.70 -0.82 11.45
N GLY A 755 -29.24 0.16 10.69
CA GLY A 755 -30.09 0.76 9.68
C GLY A 755 -29.26 1.33 8.56
N VAL A 756 -29.74 1.12 7.34
CA VAL A 756 -29.17 1.76 6.17
C VAL A 756 -30.27 2.49 5.41
N ILE A 757 -30.05 3.78 5.17
CA ILE A 757 -30.94 4.55 4.31
C ILE A 757 -30.21 5.20 3.14
N ILE A 758 -30.65 4.86 1.94
CA ILE A 758 -30.11 5.41 0.68
C ILE A 758 -31.07 6.44 0.09
N VAL A 759 -30.55 7.65 -0.12
CA VAL A 759 -31.32 8.78 -0.66
C VAL A 759 -30.81 9.07 -2.06
N GLY A 760 -31.70 9.14 -3.04
CA GLY A 760 -31.26 9.30 -4.40
C GLY A 760 -32.31 9.09 -5.47
N ASN A 761 -31.87 9.20 -6.73
CA ASN A 761 -32.74 9.12 -7.90
C ASN A 761 -32.52 7.82 -8.67
N PRO A 762 -33.46 6.86 -8.54
CA PRO A 762 -33.31 5.54 -9.15
C PRO A 762 -33.01 5.56 -10.66
N LYS A 763 -33.71 6.38 -11.44
CA LYS A 763 -33.46 6.42 -12.89
C LYS A 763 -32.03 6.79 -13.23
N ALA A 764 -31.48 7.75 -12.50
CA ALA A 764 -30.11 8.13 -12.76
C ALA A 764 -29.17 6.97 -12.40
N LEU A 765 -29.53 6.19 -11.38
CA LEU A 765 -28.64 5.14 -10.90
C LEU A 765 -28.71 3.80 -11.62
N SER A 766 -29.86 3.49 -12.21
N SER A 766 -29.76 3.53 -12.38
CA SER A 766 -30.11 2.21 -12.85
CA SER A 766 -29.96 2.17 -12.92
C SER A 766 -29.32 2.12 -14.14
C SER A 766 -28.97 1.62 -13.97
N LYS A 767 -28.38 3.05 -14.28
N LYS A 767 -28.23 2.47 -14.68
CA LYS A 767 -27.43 3.02 -15.38
CA LYS A 767 -27.30 1.97 -15.72
C LYS A 767 -26.18 2.30 -14.90
C LYS A 767 -25.87 1.74 -15.23
N GLN A 768 -26.40 1.06 -14.45
N GLN A 768 -25.66 1.91 -13.94
CA GLN A 768 -25.43 0.29 -13.72
CA GLN A 768 -24.32 1.90 -13.39
C GLN A 768 -26.05 -1.07 -13.45
C GLN A 768 -24.05 0.62 -12.64
N PRO A 769 -25.43 -2.13 -13.99
N PRO A 769 -22.78 0.21 -12.61
CA PRO A 769 -25.84 -3.48 -13.63
CA PRO A 769 -22.34 -0.93 -11.84
C PRO A 769 -26.10 -3.62 -12.12
C PRO A 769 -23.19 -1.13 -10.60
N LEU A 770 -25.13 -3.21 -11.30
N LEU A 770 -23.91 -2.25 -10.57
CA LEU A 770 -25.23 -3.42 -9.86
CA LEU A 770 -24.51 -2.79 -9.35
C LEU A 770 -26.36 -2.62 -9.20
C LEU A 770 -25.81 -2.14 -8.86
N TRP A 771 -26.23 -1.29 -9.16
N TRP A 771 -26.12 -0.95 -9.35
CA TRP A 771 -27.31 -0.42 -8.68
CA TRP A 771 -27.34 -0.25 -8.90
C TRP A 771 -28.66 -0.90 -9.23
C TRP A 771 -28.66 -0.82 -9.39
N ASN A 772 -28.65 -1.39 -10.47
N ASN A 772 -28.70 -1.41 -10.58
CA ASN A 772 -29.85 -1.98 -11.04
CA ASN A 772 -29.95 -1.99 -11.07
C ASN A 772 -30.36 -3.12 -10.18
C ASN A 772 -30.41 -3.18 -10.24
N HIS A 773 -29.46 -4.03 -9.83
CA HIS A 773 -29.75 -5.18 -8.97
C HIS A 773 -30.16 -4.73 -7.58
N LEU A 774 -29.46 -3.73 -7.04
CA LEU A 774 -29.79 -3.17 -5.75
C LEU A 774 -31.23 -2.59 -5.73
N LEU A 775 -31.59 -1.84 -6.78
CA LEU A 775 -32.93 -1.27 -6.86
C LEU A 775 -34.01 -2.33 -7.07
N ASN A 776 -33.72 -3.34 -7.87
CA ASN A 776 -34.69 -4.42 -7.97
C ASN A 776 -34.87 -5.10 -6.61
N TYR A 777 -33.75 -5.44 -5.98
CA TYR A 777 -33.80 -6.10 -4.69
C TYR A 777 -34.67 -5.32 -3.70
N TYR A 778 -34.33 -4.03 -3.50
CA TYR A 778 -35.04 -3.15 -2.57
C TYR A 778 -36.52 -3.04 -2.92
N LYS A 779 -36.83 -3.04 -4.20
CA LYS A 779 -38.22 -3.02 -4.59
C LYS A 779 -38.95 -4.34 -4.23
N GLU A 780 -38.33 -5.49 -4.53
CA GLU A 780 -38.91 -6.78 -4.12
C GLU A 780 -39.13 -6.83 -2.61
N GLN A 781 -38.21 -6.20 -1.87
CA GLN A 781 -38.27 -6.22 -0.41
C GLN A 781 -39.31 -5.22 0.11
N LYS A 782 -39.98 -4.53 -0.81
CA LYS A 782 -41.04 -3.55 -0.52
C LYS A 782 -40.49 -2.28 0.13
N VAL A 783 -39.24 -1.95 -0.17
CA VAL A 783 -38.51 -1.02 0.65
C VAL A 783 -37.91 0.13 -0.22
N LEU A 784 -38.48 0.25 -1.43
CA LEU A 784 -38.24 1.38 -2.32
C LEU A 784 -39.44 2.34 -2.24
N VAL A 785 -39.20 3.52 -1.64
CA VAL A 785 -40.27 4.37 -1.10
C VAL A 785 -40.20 5.89 -1.42
N GLU A 786 -41.31 6.60 -1.22
CA GLU A 786 -41.49 8.00 -1.60
C GLU A 786 -42.48 8.68 -0.69
N GLY A 787 -42.57 10.01 -0.83
CA GLY A 787 -43.56 10.82 -0.13
C GLY A 787 -42.96 11.38 1.14
N PRO A 788 -43.79 11.96 2.03
CA PRO A 788 -43.21 12.52 3.25
C PRO A 788 -42.76 11.40 4.17
N LEU A 789 -41.72 11.64 4.96
CA LEU A 789 -41.23 10.63 5.92
C LEU A 789 -42.31 10.13 6.89
N ASN A 790 -43.27 10.99 7.20
CA ASN A 790 -44.33 10.63 8.12
C ASN A 790 -45.39 9.68 7.49
N ASN A 791 -45.41 9.58 6.16
CA ASN A 791 -46.45 8.85 5.41
C ASN A 791 -45.83 8.31 4.11
N LEU A 792 -44.87 7.40 4.26
CA LEU A 792 -44.14 6.82 3.14
C LEU A 792 -44.95 5.80 2.33
N ARG A 793 -44.87 5.89 1.02
CA ARG A 793 -45.51 4.91 0.15
C ARG A 793 -44.47 4.23 -0.72
N GLU A 794 -44.78 3.02 -1.14
CA GLU A 794 -43.97 2.34 -2.14
C GLU A 794 -43.96 3.09 -3.47
N SER A 795 -42.78 3.24 -4.05
CA SER A 795 -42.61 3.86 -5.34
C SER A 795 -43.20 3.00 -6.47
N LEU A 796 -43.76 3.63 -7.49
CA LEU A 796 -44.35 2.88 -8.60
C LEU A 796 -43.43 2.68 -9.80
N MET A 797 -42.18 3.11 -9.65
CA MET A 797 -41.13 2.91 -10.67
C MET A 797 -40.70 1.45 -10.78
N GLN A 798 -40.21 1.09 -11.96
CA GLN A 798 -39.70 -0.26 -12.21
C GLN A 798 -38.38 -0.23 -13.01
N PHE A 799 -37.68 -1.37 -13.00
CA PHE A 799 -36.33 -1.46 -13.55
C PHE A 799 -36.13 -2.81 -14.25
#